data_4FOA
#
_entry.id   4FOA
#
_cell.length_a   182.796
_cell.length_b   82.601
_cell.length_c   125.584
_cell.angle_alpha   90.00
_cell.angle_beta   131.90
_cell.angle_gamma   90.00
#
_symmetry.space_group_name_H-M   'C 1 2 1'
#
loop_
_entity.id
_entity.type
_entity.pdbx_description
1 polymer 'Thymidylate synthase'
2 non-polymer "5-FLUORO-2'-DEOXYURIDINE-5'-MONOPHOSPHATE"
3 water water
#
_entity_poly.entity_id   1
_entity_poly.type   'polypeptide(L)'
_entity_poly.pdbx_seq_one_letter_code
;SMTPYEDLLRFVLETGTPKSDRTGTGTRSLFGQQMRYDLSAGFPLLTTKKVHFKSVAYELLWFLRGDSNIGWLHEHGVTI
WDEWASDTGELGPIYGVQWRSWPAPSGEHIDQISAALDLLRTDPDSRRIIVSAWNVGEIERMALPPCHAFFQFYVADGRL
SCQLYQRSADLFLGVPFNIASYALLTHMMAAQAGLSVGEFIWTGGDCHIYDNHVEQVRLQLSREPRPYPKLLLADRDSIF
EYTYEDIVVKNYDPHPAIKAPVAV
;
_entity_poly.pdbx_strand_id   A,B,C,D
#
loop_
_chem_comp.id
_chem_comp.type
_chem_comp.name
_chem_comp.formula
UFP DNA linking 5-FLUORO-2'-DEOXYURIDINE-5'-MONOPHOSPHATE 'C9 H12 F N2 O8 P'
#
# COMPACT_ATOMS: atom_id res chain seq x y z
N SER A 1 14.15 19.10 -15.26
CA SER A 1 12.96 19.85 -14.91
C SER A 1 13.30 21.18 -14.21
N MET A 2 12.76 21.36 -13.02
CA MET A 2 13.06 22.55 -12.21
C MET A 2 14.16 22.27 -11.18
N THR A 3 14.66 23.33 -10.55
CA THR A 3 15.82 23.23 -9.67
C THR A 3 15.64 23.99 -8.36
N PRO A 4 14.71 23.52 -7.51
CA PRO A 4 14.48 24.23 -6.24
C PRO A 4 15.78 24.36 -5.44
N TYR A 5 16.60 23.31 -5.41
CA TYR A 5 17.84 23.34 -4.64
C TYR A 5 18.86 24.34 -5.17
N GLU A 6 19.10 24.29 -6.48
CA GLU A 6 20.09 25.16 -7.13
C GLU A 6 19.68 26.63 -6.97
N ASP A 7 18.38 26.88 -7.04
CA ASP A 7 17.84 28.23 -6.87
C ASP A 7 18.10 28.73 -5.46
N LEU A 8 17.87 27.89 -4.47
CA LEU A 8 18.12 28.30 -3.10
C LEU A 8 19.61 28.50 -2.88
N LEU A 9 20.41 27.57 -3.40
CA LEU A 9 21.86 27.67 -3.33
C LEU A 9 22.33 29.01 -3.89
N ARG A 10 21.88 29.34 -5.08
CA ARG A 10 22.23 30.61 -5.71
C ARG A 10 21.77 31.80 -4.87
N PHE A 11 20.53 31.74 -4.38
CA PHE A 11 19.94 32.81 -3.59
C PHE A 11 20.78 33.14 -2.36
N VAL A 12 21.25 32.11 -1.66
CA VAL A 12 22.07 32.35 -0.48
C VAL A 12 23.47 32.82 -0.88
N LEU A 13 23.99 32.27 -1.97
CA LEU A 13 25.27 32.74 -2.47
C LEU A 13 25.22 34.24 -2.77
N GLU A 14 24.09 34.71 -3.29
CA GLU A 14 23.99 36.07 -3.81
C GLU A 14 23.44 37.10 -2.84
N THR A 15 22.77 36.65 -1.79
CA THR A 15 22.11 37.58 -0.87
C THR A 15 22.37 37.26 0.59
N GLY A 16 23.05 36.14 0.83
CA GLY A 16 23.30 35.70 2.19
C GLY A 16 24.14 36.64 3.03
N THR A 17 23.86 36.64 4.33
CA THR A 17 24.60 37.42 5.31
C THR A 17 25.90 36.74 5.73
N PRO A 18 27.02 37.47 5.64
CA PRO A 18 28.36 37.00 6.02
C PRO A 18 28.50 36.77 7.51
N LYS A 19 29.26 35.74 7.90
CA LYS A 19 29.56 35.49 9.31
C LYS A 19 30.94 34.88 9.49
N SER A 20 31.43 34.89 10.73
CA SER A 20 32.67 34.22 11.09
C SER A 20 32.57 33.78 12.55
N ASP A 21 33.04 32.56 12.85
CA ASP A 21 32.84 32.00 14.18
C ASP A 21 34.09 32.00 15.07
N ARG A 22 34.85 33.09 15.04
CA ARG A 22 36.00 33.26 15.92
C ARG A 22 37.18 32.36 15.55
N THR A 23 36.87 31.13 15.14
CA THR A 23 37.89 30.22 14.64
C THR A 23 38.26 30.64 13.22
N GLY A 24 37.38 31.44 12.62
CA GLY A 24 37.61 31.98 11.30
C GLY A 24 36.99 31.18 10.18
N THR A 25 36.17 30.20 10.54
CA THR A 25 35.56 29.31 9.54
C THR A 25 34.86 30.07 8.41
N GLY A 26 33.81 30.82 8.75
CA GLY A 26 33.16 31.69 7.78
C GLY A 26 32.03 31.08 6.98
N THR A 27 30.92 31.82 6.90
CA THR A 27 29.72 31.39 6.19
C THR A 27 28.99 32.55 5.57
N ARG A 28 28.10 32.20 4.65
CA ARG A 28 27.09 33.11 4.12
C ARG A 28 25.77 32.41 4.44
N SER A 29 24.79 33.12 4.99
CA SER A 29 23.61 32.45 5.50
CA SER A 29 23.60 32.43 5.46
C SER A 29 22.30 33.22 5.34
N LEU A 30 21.21 32.47 5.17
CA LEU A 30 19.86 33.01 5.26
C LEU A 30 19.07 32.10 6.22
N PHE A 31 17.98 32.62 6.76
CA PHE A 31 17.18 31.89 7.74
C PHE A 31 15.78 31.65 7.20
N GLY A 32 15.21 30.48 7.49
CA GLY A 32 13.82 30.20 7.16
C GLY A 32 13.56 30.14 5.67
N GLN A 33 14.16 29.15 5.01
CA GLN A 33 13.99 28.97 3.57
C GLN A 33 13.33 27.61 3.27
N GLN A 34 12.67 27.53 2.13
CA GLN A 34 11.83 26.37 1.83
C GLN A 34 11.91 25.97 0.36
N MET A 35 12.03 24.67 0.12
CA MET A 35 12.04 24.09 -1.22
C MET A 35 10.94 23.03 -1.28
N ARG A 36 10.30 22.87 -2.43
CA ARG A 36 9.41 21.74 -2.62
C ARG A 36 9.78 20.97 -3.87
N TYR A 37 9.59 19.65 -3.82
CA TYR A 37 9.78 18.76 -4.95
C TYR A 37 8.51 17.93 -5.14
N ASP A 38 8.05 17.80 -6.38
CA ASP A 38 6.94 16.92 -6.69
C ASP A 38 7.48 15.53 -6.97
N LEU A 39 7.36 14.65 -5.98
CA LEU A 39 7.95 13.32 -6.08
C LEU A 39 7.38 12.47 -7.22
N SER A 40 6.13 12.76 -7.60
CA SER A 40 5.49 12.02 -8.66
C SER A 40 6.17 12.28 -10.01
N ALA A 41 6.88 13.41 -10.11
CA ALA A 41 7.55 13.77 -11.37
C ALA A 41 9.01 13.27 -11.49
N GLY A 42 9.53 12.64 -10.44
CA GLY A 42 10.91 12.27 -10.42
C GLY A 42 11.51 12.33 -9.03
N PHE A 43 12.57 11.54 -8.82
CA PHE A 43 13.24 11.46 -7.54
C PHE A 43 14.31 12.54 -7.43
N PRO A 44 14.28 13.32 -6.35
CA PRO A 44 15.15 14.50 -6.22
C PRO A 44 16.61 14.20 -5.84
N LEU A 45 17.25 13.30 -6.59
CA LEU A 45 18.69 13.12 -6.49
C LEU A 45 19.34 14.09 -7.47
N LEU A 46 20.11 15.05 -6.96
CA LEU A 46 20.65 16.13 -7.79
C LEU A 46 21.40 15.60 -9.02
N THR A 47 21.25 16.28 -10.15
CA THR A 47 22.00 15.89 -11.35
C THR A 47 23.07 16.91 -11.71
N THR A 48 23.13 18.02 -11.00
CA THR A 48 24.16 19.01 -11.26
C THR A 48 25.49 18.61 -10.62
N LYS A 49 25.45 17.55 -9.81
CA LYS A 49 26.65 16.86 -9.35
C LYS A 49 26.22 15.47 -8.88
N LYS A 50 27.09 14.49 -8.98
CA LYS A 50 26.74 13.16 -8.52
C LYS A 50 26.59 13.21 -7.01
N VAL A 51 25.46 12.72 -6.51
CA VAL A 51 25.27 12.55 -5.09
C VAL A 51 25.43 11.07 -4.73
N HIS A 52 26.23 10.80 -3.71
CA HIS A 52 26.50 9.43 -3.27
C HIS A 52 25.27 8.82 -2.59
N PHE A 53 24.42 8.21 -3.41
CA PHE A 53 23.18 7.67 -2.90
C PHE A 53 23.39 6.44 -2.01
N LYS A 54 24.46 5.68 -2.27
CA LYS A 54 24.76 4.51 -1.45
C LYS A 54 24.82 4.86 0.04
N SER A 55 25.55 5.92 0.38
CA SER A 55 25.61 6.36 1.78
C SER A 55 24.24 6.83 2.27
N VAL A 56 23.51 7.57 1.44
CA VAL A 56 22.16 8.03 1.80
C VAL A 56 21.30 6.83 2.21
N ALA A 57 21.23 5.83 1.35
CA ALA A 57 20.36 4.69 1.57
C ALA A 57 20.77 3.90 2.81
N TYR A 58 22.05 3.65 2.96
CA TYR A 58 22.53 2.89 4.12
C TYR A 58 22.27 3.64 5.43
N GLU A 59 22.53 4.93 5.44
CA GLU A 59 22.31 5.72 6.66
C GLU A 59 20.83 5.67 7.06
N LEU A 60 19.93 5.81 6.08
CA LEU A 60 18.49 5.71 6.34
C LEU A 60 18.08 4.35 6.91
N LEU A 61 18.60 3.27 6.35
CA LEU A 61 18.25 1.92 6.82
C LEU A 61 18.74 1.76 8.25
N TRP A 62 19.88 2.39 8.51
CA TRP A 62 20.53 2.41 9.81
C TRP A 62 19.66 3.16 10.83
N PHE A 63 19.16 4.34 10.46
CA PHE A 63 18.18 5.05 11.27
C PHE A 63 16.99 4.14 11.53
N LEU A 64 16.50 3.51 10.47
CA LEU A 64 15.27 2.71 10.57
C LEU A 64 15.46 1.47 11.46
N ARG A 65 16.70 0.96 11.49
CA ARG A 65 17.09 -0.10 12.42
C ARG A 65 17.05 0.39 13.87
N GLY A 66 17.01 1.69 14.06
CA GLY A 66 17.00 2.27 15.39
C GLY A 66 18.38 2.18 16.02
N ASP A 67 19.38 2.00 15.17
CA ASP A 67 20.76 1.73 15.55
C ASP A 67 21.47 2.98 16.11
N SER A 68 22.38 2.80 17.06
CA SER A 68 23.15 3.94 17.58
C SER A 68 24.67 3.78 17.43
N ASN A 69 25.10 2.63 16.93
CA ASN A 69 26.52 2.35 16.76
C ASN A 69 26.89 2.29 15.27
N ILE A 70 27.96 2.99 14.90
CA ILE A 70 28.37 3.11 13.50
C ILE A 70 28.80 1.77 12.87
N GLY A 71 29.02 0.76 13.70
CA GLY A 71 29.49 -0.54 13.24
C GLY A 71 28.87 -0.99 11.92
N TRP A 72 27.54 -0.97 11.87
CA TRP A 72 26.82 -1.43 10.69
C TRP A 72 27.11 -0.56 9.46
N LEU A 73 27.27 0.74 9.67
CA LEU A 73 27.61 1.63 8.56
C LEU A 73 28.97 1.23 8.01
N HIS A 74 29.95 1.13 8.90
CA HIS A 74 31.30 0.69 8.53
C HIS A 74 31.32 -0.60 7.72
N GLU A 75 30.62 -1.63 8.21
CA GLU A 75 30.52 -2.90 7.49
C GLU A 75 30.21 -2.67 6.02
N HIS A 76 29.48 -1.58 5.73
CA HIS A 76 29.03 -1.31 4.37
C HIS A 76 29.77 -0.13 3.74
N GLY A 77 30.84 0.32 4.41
CA GLY A 77 31.72 1.31 3.83
C GLY A 77 31.26 2.74 3.95
N VAL A 78 30.30 2.98 4.84
CA VAL A 78 29.78 4.31 5.06
C VAL A 78 30.47 4.94 6.27
N THR A 79 31.14 6.06 6.07
CA THR A 79 32.08 6.57 7.06
C THR A 79 31.70 7.95 7.57
N ILE A 80 30.54 8.44 7.10
CA ILE A 80 30.09 9.80 7.42
C ILE A 80 29.99 10.10 8.93
N TRP A 81 29.71 9.07 9.73
CA TRP A 81 29.55 9.29 11.18
C TRP A 81 30.83 9.03 11.98
N ASP A 82 31.87 8.55 11.29
CA ASP A 82 33.13 8.19 11.94
C ASP A 82 33.70 9.32 12.82
N GLU A 83 33.67 10.54 12.29
CA GLU A 83 34.29 11.66 13.00
C GLU A 83 33.78 11.77 14.43
N TRP A 84 32.48 11.53 14.63
CA TRP A 84 31.83 11.84 15.90
C TRP A 84 31.59 10.66 16.85
N ALA A 85 32.02 9.47 16.46
CA ALA A 85 31.78 8.28 17.27
C ALA A 85 32.72 8.18 18.48
N SER A 86 32.26 7.51 19.53
CA SER A 86 33.10 7.26 20.69
C SER A 86 34.18 6.26 20.31
N ASP A 87 35.10 5.98 21.23
CA ASP A 87 36.15 5.00 20.99
C ASP A 87 35.55 3.62 20.70
N THR A 88 34.26 3.45 21.00
CA THR A 88 33.59 2.17 20.77
C THR A 88 32.59 2.21 19.62
N GLY A 89 32.51 3.35 18.94
CA GLY A 89 31.60 3.52 17.82
C GLY A 89 30.19 3.93 18.20
N GLU A 90 30.01 4.33 19.46
CA GLU A 90 28.70 4.78 19.95
C GLU A 90 28.49 6.27 19.71
N LEU A 91 27.22 6.65 19.53
CA LEU A 91 26.89 8.03 19.18
C LEU A 91 25.87 8.65 20.12
N GLY A 92 25.48 7.94 21.17
CA GLY A 92 24.41 8.41 22.03
C GLY A 92 23.05 8.17 21.40
N PRO A 93 21.98 8.65 22.06
CA PRO A 93 20.64 8.29 21.60
C PRO A 93 20.15 9.18 20.47
N ILE A 94 20.80 9.08 19.32
CA ILE A 94 20.48 9.90 18.15
C ILE A 94 19.29 9.36 17.36
N TYR A 95 19.07 9.94 16.17
CA TYR A 95 17.91 9.64 15.33
C TYR A 95 17.28 8.25 15.50
N GLY A 96 18.06 7.20 15.29
CA GLY A 96 17.51 5.86 15.33
C GLY A 96 16.81 5.56 16.64
N VAL A 97 17.43 5.97 17.74
CA VAL A 97 16.91 5.67 19.07
C VAL A 97 15.61 6.44 19.31
N GLN A 98 15.59 7.71 18.87
CA GLN A 98 14.39 8.55 19.02
C GLN A 98 13.25 8.12 18.08
N TRP A 99 13.57 7.85 16.81
CA TRP A 99 12.56 7.39 15.86
C TRP A 99 11.86 6.11 16.30
N ARG A 100 12.63 5.17 16.86
CA ARG A 100 12.11 3.84 17.15
C ARG A 100 11.79 3.60 18.61
N SER A 101 12.25 4.48 19.49
CA SER A 101 12.11 4.18 20.92
C SER A 101 12.32 5.40 21.82
N TRP A 102 11.58 6.48 21.52
CA TRP A 102 11.62 7.66 22.34
C TRP A 102 11.09 7.31 23.74
N PRO A 103 11.90 7.54 24.79
CA PRO A 103 11.47 7.13 26.13
C PRO A 103 10.42 8.07 26.72
N ALA A 104 9.29 7.52 27.15
CA ALA A 104 8.22 8.31 27.75
C ALA A 104 8.34 8.21 29.27
N PRO A 105 7.76 9.19 29.99
CA PRO A 105 7.81 9.19 31.47
C PRO A 105 7.12 7.97 32.07
N SER A 106 6.09 7.48 31.37
CA SER A 106 5.35 6.31 31.81
C SER A 106 6.21 5.03 31.82
N GLY A 107 7.45 5.12 31.36
CA GLY A 107 8.30 3.95 31.24
C GLY A 107 8.18 3.27 29.88
N GLU A 108 7.17 3.66 29.12
CA GLU A 108 6.96 3.12 27.78
C GLU A 108 7.93 3.72 26.78
N HIS A 109 8.16 3.02 25.68
CA HIS A 109 9.03 3.52 24.63
C HIS A 109 8.28 3.63 23.30
N ILE A 110 8.38 4.78 22.65
CA ILE A 110 7.51 5.07 21.53
C ILE A 110 8.23 4.92 20.19
N ASP A 111 7.73 3.98 19.39
CA ASP A 111 8.15 3.78 18.01
C ASP A 111 7.37 4.75 17.12
N GLN A 112 7.94 5.93 16.89
CA GLN A 112 7.27 6.95 16.10
C GLN A 112 7.06 6.56 14.63
N ILE A 113 7.97 5.74 14.10
CA ILE A 113 7.84 5.29 12.73
C ILE A 113 6.62 4.39 12.56
N SER A 114 6.49 3.36 13.40
CA SER A 114 5.29 2.51 13.34
C SER A 114 4.01 3.30 13.65
N ALA A 115 4.09 4.20 14.63
CA ALA A 115 2.92 5.03 14.95
C ALA A 115 2.50 5.86 13.73
N ALA A 116 3.46 6.43 13.02
CA ALA A 116 3.10 7.27 11.89
C ALA A 116 2.48 6.42 10.78
N LEU A 117 3.08 5.26 10.53
CA LEU A 117 2.56 4.33 9.53
C LEU A 117 1.14 3.85 9.89
N ASP A 118 0.89 3.57 11.15
CA ASP A 118 -0.45 3.24 11.60
C ASP A 118 -1.47 4.38 11.38
N LEU A 119 -1.06 5.63 11.62
CA LEU A 119 -1.94 6.77 11.32
C LEU A 119 -2.17 6.91 9.81
N LEU A 120 -1.13 6.72 9.01
CA LEU A 120 -1.28 6.83 7.56
C LEU A 120 -2.26 5.79 7.01
N ARG A 121 -2.31 4.63 7.66
CA ARG A 121 -3.18 3.55 7.21
C ARG A 121 -4.61 3.66 7.76
N THR A 122 -4.78 4.21 8.96
CA THR A 122 -6.08 4.16 9.62
C THR A 122 -6.73 5.53 9.78
N ASP A 123 -5.92 6.58 9.76
CA ASP A 123 -6.42 7.92 10.00
C ASP A 123 -5.60 8.90 9.18
N PRO A 124 -5.58 8.71 7.85
CA PRO A 124 -4.67 9.43 6.94
C PRO A 124 -4.85 10.94 6.98
N ASP A 125 -6.03 11.41 7.38
CA ASP A 125 -6.26 12.85 7.48
C ASP A 125 -5.73 13.46 8.77
N SER A 126 -5.24 12.64 9.69
CA SER A 126 -4.71 13.17 10.93
C SER A 126 -3.72 14.30 10.66
N ARG A 127 -3.79 15.35 11.47
CA ARG A 127 -2.82 16.43 11.38
C ARG A 127 -1.71 16.30 12.42
N ARG A 128 -1.55 15.09 12.96
CA ARG A 128 -0.58 14.82 14.01
C ARG A 128 0.44 13.75 13.63
N ILE A 129 0.60 13.49 12.34
CA ILE A 129 1.48 12.40 11.89
C ILE A 129 2.92 12.90 11.85
N ILE A 130 3.58 12.78 12.99
CA ILE A 130 4.84 13.49 13.18
C ILE A 130 5.90 12.60 13.81
N VAL A 131 7.14 12.79 13.37
CA VAL A 131 8.28 12.10 13.96
C VAL A 131 9.28 13.15 14.39
N SER A 132 9.69 13.11 15.66
CA SER A 132 10.68 14.06 16.13
C SER A 132 11.91 13.38 16.67
N ALA A 133 13.07 13.97 16.37
CA ALA A 133 14.33 13.53 16.94
C ALA A 133 14.78 14.52 18.03
N TRP A 134 14.08 15.64 18.13
CA TRP A 134 14.50 16.70 19.06
C TRP A 134 14.02 16.41 20.48
N ASN A 135 14.69 15.47 21.13
CA ASN A 135 14.33 15.08 22.50
C ASN A 135 15.16 15.91 23.48
N VAL A 136 14.56 16.99 23.96
CA VAL A 136 15.30 18.05 24.65
C VAL A 136 16.19 17.52 25.77
N GLY A 137 15.66 16.60 26.57
CA GLY A 137 16.39 16.05 27.70
C GLY A 137 17.51 15.06 27.38
N GLU A 138 17.60 14.66 26.11
CA GLU A 138 18.58 13.66 25.72
C GLU A 138 19.68 14.24 24.82
N ILE A 139 19.51 15.50 24.39
CA ILE A 139 20.39 16.10 23.39
C ILE A 139 21.84 16.04 23.80
N GLU A 140 22.11 16.39 25.05
CA GLU A 140 23.47 16.44 25.56
C GLU A 140 24.18 15.07 25.51
N ARG A 141 23.43 13.98 25.61
CA ARG A 141 24.02 12.64 25.45
C ARG A 141 24.39 12.33 24.00
N MET A 142 23.64 12.91 23.06
CA MET A 142 23.92 12.66 21.65
C MET A 142 25.29 13.22 21.26
N ALA A 143 25.91 12.64 20.24
CA ALA A 143 27.23 13.09 19.81
C ALA A 143 27.11 14.48 19.24
N LEU A 144 25.97 14.75 18.60
CA LEU A 144 25.65 16.04 18.00
C LEU A 144 24.14 16.28 18.12
N PRO A 145 23.71 17.54 18.28
CA PRO A 145 22.26 17.78 18.27
C PRO A 145 21.69 17.50 16.89
N PRO A 146 20.48 16.92 16.83
CA PRO A 146 19.86 16.52 15.56
C PRO A 146 19.75 17.70 14.58
N CYS A 147 20.19 17.47 13.34
CA CYS A 147 20.09 18.48 12.29
CA CYS A 147 20.08 18.48 12.31
C CYS A 147 18.73 18.43 11.62
N HIS A 148 18.42 17.27 11.02
CA HIS A 148 17.08 17.03 10.54
CA HIS A 148 17.08 17.04 10.54
C HIS A 148 16.22 16.61 11.74
N ALA A 149 15.63 17.61 12.39
CA ALA A 149 15.06 17.51 13.73
C ALA A 149 13.66 16.94 13.83
N PHE A 150 12.81 17.21 12.85
CA PHE A 150 11.54 16.53 12.81
C PHE A 150 10.84 16.67 11.48
N PHE A 151 9.88 15.78 11.24
CA PHE A 151 9.16 15.78 9.98
C PHE A 151 7.71 15.39 10.19
N GLN A 152 6.89 15.78 9.22
CA GLN A 152 5.45 15.57 9.32
C GLN A 152 4.99 15.01 7.99
N PHE A 153 4.08 14.05 8.04
CA PHE A 153 3.45 13.52 6.82
C PHE A 153 2.02 14.06 6.63
N TYR A 154 1.56 14.03 5.38
CA TYR A 154 0.24 14.55 5.05
C TYR A 154 -0.28 13.78 3.85
N VAL A 155 -1.58 13.56 3.80
CA VAL A 155 -2.17 12.77 2.72
C VAL A 155 -3.29 13.53 2.03
N ALA A 156 -3.26 13.57 0.72
CA ALA A 156 -4.34 14.17 -0.03
C ALA A 156 -4.56 13.34 -1.28
N ASP A 157 -5.82 12.95 -1.49
CA ASP A 157 -6.18 12.20 -2.68
C ASP A 157 -5.29 10.96 -2.88
N GLY A 158 -4.98 10.26 -1.79
CA GLY A 158 -4.19 9.06 -1.89
C GLY A 158 -2.70 9.31 -2.10
N ARG A 159 -2.28 10.58 -2.02
CA ARG A 159 -0.85 10.88 -2.15
C ARG A 159 -0.21 11.31 -0.84
N LEU A 160 0.99 10.79 -0.58
CA LEU A 160 1.69 11.10 0.65
C LEU A 160 2.68 12.24 0.44
N SER A 161 2.53 13.32 1.22
CA SER A 161 3.54 14.38 1.26
C SER A 161 4.32 14.35 2.57
N CYS A 162 5.53 14.87 2.56
CA CYS A 162 6.37 14.92 3.75
C CYS A 162 7.06 16.27 3.82
N GLN A 163 7.11 16.85 5.01
CA GLN A 163 7.87 18.07 5.23
C GLN A 163 8.90 17.87 6.32
N LEU A 164 10.14 18.22 6.02
CA LEU A 164 11.22 18.12 6.98
C LEU A 164 11.53 19.49 7.56
N TYR A 165 11.76 19.57 8.86
CA TYR A 165 12.36 20.77 9.43
C TYR A 165 13.83 20.50 9.74
N GLN A 166 14.74 21.21 9.08
CA GLN A 166 16.16 21.01 9.28
C GLN A 166 16.74 22.29 9.89
N ARG A 167 17.21 22.20 11.14
CA ARG A 167 17.57 23.39 11.91
C ARG A 167 18.81 24.07 11.36
N SER A 168 19.67 23.28 10.72
CA SER A 168 20.96 23.77 10.29
C SER A 168 21.31 23.12 8.96
N ALA A 169 21.78 23.88 7.99
CA ALA A 169 21.88 23.34 6.65
C ALA A 169 23.15 23.75 5.91
N ASP A 170 24.10 22.83 5.78
CA ASP A 170 25.28 23.05 4.95
C ASP A 170 24.78 22.85 3.53
N LEU A 171 24.46 23.94 2.85
CA LEU A 171 23.78 23.82 1.55
C LEU A 171 24.57 23.04 0.51
N PHE A 172 25.90 23.12 0.57
CA PHE A 172 26.70 22.42 -0.43
C PHE A 172 26.92 20.95 -0.14
N LEU A 173 27.41 20.64 1.07
CA LEU A 173 27.69 19.24 1.40
C LEU A 173 26.51 18.43 1.95
N GLY A 174 25.70 19.06 2.80
CA GLY A 174 24.68 18.33 3.55
C GLY A 174 23.34 18.18 2.87
N VAL A 175 22.78 19.30 2.45
CA VAL A 175 21.40 19.33 1.97
C VAL A 175 21.08 18.38 0.82
N PRO A 176 21.99 18.25 -0.17
CA PRO A 176 21.64 17.33 -1.26
C PRO A 176 21.42 15.91 -0.75
N PHE A 177 22.24 15.52 0.21
CA PHE A 177 22.14 14.25 0.89
C PHE A 177 20.83 14.19 1.70
N ASN A 178 20.56 15.23 2.48
CA ASN A 178 19.34 15.30 3.28
C ASN A 178 18.07 15.14 2.42
N ILE A 179 18.04 15.82 1.29
CA ILE A 179 16.90 15.75 0.39
C ILE A 179 16.64 14.31 -0.08
N ALA A 180 17.71 13.66 -0.53
CA ALA A 180 17.63 12.29 -1.03
C ALA A 180 17.14 11.34 0.06
N SER A 181 17.61 11.60 1.27
CA SER A 181 17.30 10.74 2.41
C SER A 181 15.80 10.76 2.72
N TYR A 182 15.26 11.96 2.87
CA TYR A 182 13.85 12.09 3.24
C TYR A 182 12.87 11.78 2.09
N ALA A 183 13.31 12.04 0.86
CA ALA A 183 12.56 11.62 -0.33
C ALA A 183 12.47 10.08 -0.39
N LEU A 184 13.60 9.42 -0.16
CA LEU A 184 13.63 7.95 -0.08
C LEU A 184 12.71 7.46 1.04
N LEU A 185 12.86 8.03 2.23
CA LEU A 185 11.97 7.67 3.34
C LEU A 185 10.50 7.80 2.93
N THR A 186 10.18 8.87 2.18
CA THR A 186 8.79 9.14 1.82
C THR A 186 8.23 8.05 0.89
N HIS A 187 9.06 7.60 -0.05
CA HIS A 187 8.72 6.44 -0.90
C HIS A 187 8.49 5.18 -0.09
N MET A 188 9.30 4.96 0.94
CA MET A 188 9.16 3.76 1.76
C MET A 188 7.87 3.81 2.57
N MET A 189 7.60 4.97 3.15
CA MET A 189 6.40 5.15 3.95
C MET A 189 5.17 5.04 3.06
N ALA A 190 5.24 5.63 1.87
CA ALA A 190 4.10 5.59 0.97
C ALA A 190 3.77 4.14 0.58
N ALA A 191 4.78 3.39 0.13
CA ALA A 191 4.60 2.00 -0.27
C ALA A 191 4.01 1.18 0.87
N GLN A 192 4.53 1.38 2.09
CA GLN A 192 4.05 0.66 3.25
C GLN A 192 2.63 1.05 3.65
N ALA A 193 2.24 2.28 3.31
CA ALA A 193 0.94 2.79 3.73
C ALA A 193 -0.09 2.57 2.65
N GLY A 194 0.32 2.05 1.51
CA GLY A 194 -0.57 1.90 0.38
C GLY A 194 -0.95 3.22 -0.30
N LEU A 195 0.00 4.13 -0.39
CA LEU A 195 -0.24 5.43 -0.98
C LEU A 195 0.73 5.69 -2.13
N SER A 196 0.41 6.66 -2.98
CA SER A 196 1.37 7.13 -3.96
CA SER A 196 1.37 7.14 -3.97
C SER A 196 2.12 8.32 -3.38
N VAL A 197 3.19 8.75 -4.05
CA VAL A 197 3.97 9.86 -3.50
C VAL A 197 3.44 11.21 -3.98
N GLY A 198 3.50 12.20 -3.09
CA GLY A 198 3.08 13.57 -3.41
C GLY A 198 4.27 14.51 -3.43
N GLU A 199 4.30 15.46 -2.51
CA GLU A 199 5.42 16.40 -2.46
C GLU A 199 6.36 16.12 -1.31
N PHE A 200 7.64 16.49 -1.49
CA PHE A 200 8.56 16.61 -0.38
C PHE A 200 8.89 18.09 -0.18
N ILE A 201 8.66 18.59 1.03
CA ILE A 201 8.95 19.98 1.35
C ILE A 201 10.10 20.03 2.34
N TRP A 202 11.13 20.79 1.99
CA TRP A 202 12.30 20.95 2.83
C TRP A 202 12.25 22.35 3.40
N THR A 203 12.22 22.44 4.72
CA THR A 203 12.23 23.73 5.41
C THR A 203 13.47 23.80 6.28
N GLY A 204 14.31 24.80 6.03
CA GLY A 204 15.53 24.97 6.77
C GLY A 204 15.49 26.16 7.72
N GLY A 205 16.22 26.05 8.82
CA GLY A 205 16.48 27.17 9.71
C GLY A 205 17.68 27.94 9.16
N ASP A 206 18.85 27.72 9.75
CA ASP A 206 20.07 28.39 9.30
C ASP A 206 20.61 27.75 8.03
N CYS A 207 20.38 28.39 6.89
CA CYS A 207 20.80 27.83 5.61
C CYS A 207 22.08 28.52 5.15
N HIS A 208 23.20 27.80 5.19
CA HIS A 208 24.48 28.45 4.98
C HIS A 208 25.36 27.79 3.93
N ILE A 209 26.19 28.61 3.31
CA ILE A 209 27.25 28.12 2.42
C ILE A 209 28.56 28.46 3.08
N TYR A 210 29.39 27.46 3.34
CA TYR A 210 30.71 27.70 3.90
C TYR A 210 31.58 28.40 2.87
N ASP A 211 32.37 29.37 3.33
CA ASP A 211 33.26 30.15 2.46
C ASP A 211 34.19 29.29 1.64
N ASN A 212 34.62 28.16 2.20
CA ASN A 212 35.54 27.25 1.52
C ASN A 212 34.83 26.36 0.48
N HIS A 213 33.53 26.56 0.32
CA HIS A 213 32.77 25.81 -0.68
C HIS A 213 32.42 26.68 -1.89
N VAL A 214 32.71 27.97 -1.82
CA VAL A 214 32.22 28.91 -2.82
C VAL A 214 32.58 28.55 -4.27
N GLU A 215 33.82 28.13 -4.52
CA GLU A 215 34.23 27.77 -5.87
C GLU A 215 33.48 26.53 -6.34
N GLN A 216 33.29 25.59 -5.43
CA GLN A 216 32.55 24.37 -5.76
C GLN A 216 31.11 24.73 -6.12
N VAL A 217 30.55 25.69 -5.40
CA VAL A 217 29.16 26.11 -5.64
C VAL A 217 28.99 26.79 -6.99
N ARG A 218 29.94 27.65 -7.36
CA ARG A 218 29.85 28.34 -8.64
CA ARG A 218 29.89 28.35 -8.64
C ARG A 218 29.96 27.37 -9.82
N LEU A 219 30.85 26.39 -9.70
CA LEU A 219 30.98 25.36 -10.74
C LEU A 219 29.66 24.63 -10.90
N GLN A 220 29.08 24.20 -9.78
CA GLN A 220 27.80 23.50 -9.83
C GLN A 220 26.72 24.38 -10.43
N LEU A 221 26.74 25.67 -10.10
CA LEU A 221 25.69 26.57 -10.56
C LEU A 221 25.81 26.82 -12.04
N SER A 222 26.97 26.51 -12.60
CA SER A 222 27.22 26.72 -14.02
C SER A 222 26.70 25.55 -14.83
N ARG A 223 26.27 24.50 -14.15
CA ARG A 223 25.86 23.28 -14.86
C ARG A 223 24.36 23.21 -15.08
N GLU A 224 23.96 22.60 -16.19
CA GLU A 224 22.56 22.43 -16.54
C GLU A 224 22.06 21.07 -16.06
N PRO A 225 20.90 21.04 -15.40
CA PRO A 225 20.34 19.80 -14.86
C PRO A 225 19.90 18.81 -15.92
N ARG A 226 19.94 17.52 -15.59
CA ARG A 226 19.32 16.47 -16.40
C ARG A 226 17.99 16.14 -15.74
N PRO A 227 17.16 15.31 -16.39
CA PRO A 227 15.91 14.89 -15.77
C PRO A 227 16.19 14.12 -14.49
N TYR A 228 15.32 14.24 -13.50
CA TYR A 228 15.48 13.45 -12.29
C TYR A 228 15.33 11.98 -12.60
N PRO A 229 16.06 11.13 -11.85
CA PRO A 229 15.91 9.69 -12.02
C PRO A 229 14.58 9.19 -11.47
N LYS A 230 14.37 7.89 -11.58
CA LYS A 230 13.15 7.25 -11.07
CA LYS A 230 13.15 7.22 -11.12
C LYS A 230 13.50 6.29 -9.95
N LEU A 231 12.75 6.36 -8.86
CA LEU A 231 13.02 5.49 -7.73
C LEU A 231 12.11 4.26 -7.73
N LEU A 232 12.72 3.08 -7.61
CA LEU A 232 11.98 1.84 -7.57
C LEU A 232 12.27 1.11 -6.28
N LEU A 233 11.27 0.44 -5.75
CA LEU A 233 11.36 -0.30 -4.50
C LEU A 233 10.88 -1.74 -4.71
N ALA A 234 11.65 -2.71 -4.22
CA ALA A 234 11.17 -4.09 -4.20
C ALA A 234 10.07 -4.21 -3.14
N ASP A 235 9.29 -5.29 -3.21
CA ASP A 235 8.22 -5.48 -2.24
C ASP A 235 8.72 -6.01 -0.88
N ARG A 236 8.24 -5.41 0.21
CA ARG A 236 8.49 -5.94 1.55
C ARG A 236 7.23 -5.76 2.39
N ASP A 237 7.07 -6.58 3.43
CA ASP A 237 5.86 -6.47 4.23
C ASP A 237 6.03 -5.54 5.42
N SER A 238 7.22 -4.96 5.55
CA SER A 238 7.49 -4.01 6.62
C SER A 238 8.60 -3.06 6.22
N ILE A 239 8.48 -1.80 6.62
CA ILE A 239 9.48 -0.81 6.30
C ILE A 239 10.82 -1.20 6.91
N PHE A 240 10.77 -1.92 8.02
CA PHE A 240 11.99 -2.34 8.71
C PHE A 240 12.70 -3.50 8.02
N GLU A 241 12.09 -4.01 6.96
CA GLU A 241 12.66 -5.14 6.23
C GLU A 241 13.26 -4.75 4.88
N TYR A 242 13.18 -3.47 4.52
CA TYR A 242 13.86 -3.00 3.32
C TYR A 242 15.36 -3.17 3.51
N THR A 243 16.04 -3.63 2.46
CA THR A 243 17.49 -3.72 2.44
C THR A 243 18.00 -2.86 1.30
N TYR A 244 19.30 -2.65 1.23
CA TYR A 244 19.91 -1.82 0.21
C TYR A 244 19.55 -2.31 -1.20
N GLU A 245 19.55 -3.63 -1.36
CA GLU A 245 19.25 -4.25 -2.63
C GLU A 245 17.79 -4.10 -3.07
N ASP A 246 16.92 -3.61 -2.19
CA ASP A 246 15.52 -3.40 -2.56
C ASP A 246 15.33 -2.08 -3.30
N ILE A 247 16.39 -1.30 -3.42
CA ILE A 247 16.26 0.04 -3.95
C ILE A 247 16.97 0.19 -5.29
N VAL A 248 16.25 0.63 -6.31
CA VAL A 248 16.89 0.99 -7.56
C VAL A 248 16.62 2.44 -7.89
N VAL A 249 17.71 3.16 -8.18
CA VAL A 249 17.61 4.49 -8.76
C VAL A 249 17.88 4.38 -10.25
N LYS A 250 16.85 4.56 -11.05
CA LYS A 250 16.93 4.23 -12.47
C LYS A 250 17.10 5.49 -13.29
N ASN A 251 18.03 5.45 -14.24
CA ASN A 251 18.25 6.55 -15.16
C ASN A 251 18.73 7.83 -14.50
N TYR A 252 19.71 7.67 -13.64
CA TYR A 252 20.37 8.77 -12.98
C TYR A 252 21.49 9.22 -13.90
N ASP A 253 21.40 10.44 -14.41
CA ASP A 253 22.39 10.94 -15.36
C ASP A 253 23.05 12.23 -14.87
N PRO A 254 23.85 12.13 -13.80
CA PRO A 254 24.44 13.35 -13.22
C PRO A 254 25.71 13.79 -13.93
N HIS A 255 26.01 15.07 -13.80
CA HIS A 255 27.34 15.61 -14.00
C HIS A 255 28.21 15.02 -12.93
N PRO A 256 29.55 15.10 -13.11
CA PRO A 256 30.49 14.48 -12.17
C PRO A 256 30.41 15.06 -10.77
N ALA A 257 30.78 14.25 -9.79
CA ALA A 257 30.83 14.67 -8.40
C ALA A 257 31.78 15.83 -8.29
N ILE A 258 31.50 16.72 -7.36
CA ILE A 258 32.42 17.81 -7.06
C ILE A 258 32.99 17.55 -5.67
N LYS A 259 34.31 17.40 -5.58
CA LYS A 259 34.95 17.15 -4.28
C LYS A 259 35.27 18.43 -3.54
N ALA A 260 34.80 18.54 -2.30
CA ALA A 260 35.02 19.75 -1.51
C ALA A 260 35.53 19.45 -0.10
N PRO A 261 36.45 20.30 0.39
CA PRO A 261 36.98 20.21 1.74
C PRO A 261 35.88 20.04 2.79
N MET B 2 3.03 44.27 1.79
CA MET B 2 3.04 42.81 1.78
C MET B 2 2.03 42.20 2.77
N THR B 3 1.22 41.28 2.27
CA THR B 3 0.18 40.66 3.07
C THR B 3 0.22 39.13 2.94
N PRO B 4 1.29 38.51 3.45
CA PRO B 4 1.45 37.06 3.23
C PRO B 4 0.24 36.30 3.75
N TYR B 5 -0.30 36.71 4.90
CA TYR B 5 -1.43 35.99 5.49
C TYR B 5 -2.62 35.93 4.52
N GLU B 6 -3.07 37.09 4.08
CA GLU B 6 -4.21 37.16 3.16
C GLU B 6 -3.94 36.41 1.87
N ASP B 7 -2.71 36.51 1.36
CA ASP B 7 -2.31 35.75 0.17
C ASP B 7 -2.44 34.25 0.38
N LEU B 8 -1.93 33.76 1.52
CA LEU B 8 -2.04 32.34 1.84
C LEU B 8 -3.49 31.91 2.01
N LEU B 9 -4.27 32.74 2.70
CA LEU B 9 -5.67 32.45 2.92
C LEU B 9 -6.39 32.28 1.59
N ARG B 10 -6.09 33.16 0.64
CA ARG B 10 -6.67 33.12 -0.69
C ARG B 10 -6.19 31.91 -1.49
N PHE B 11 -4.89 31.65 -1.41
CA PHE B 11 -4.31 30.48 -2.06
C PHE B 11 -5.02 29.18 -1.66
N VAL B 12 -5.27 29.02 -0.37
CA VAL B 12 -5.90 27.81 0.14
C VAL B 12 -7.38 27.73 -0.26
N LEU B 13 -8.07 28.86 -0.19
CA LEU B 13 -9.47 28.91 -0.58
C LEU B 13 -9.62 28.45 -2.02
N GLU B 14 -8.72 28.94 -2.88
CA GLU B 14 -8.83 28.73 -4.32
C GLU B 14 -8.22 27.42 -4.82
N THR B 15 -7.24 26.86 -4.11
CA THR B 15 -6.56 25.67 -4.61
C THR B 15 -6.47 24.52 -3.62
N GLY B 16 -7.00 24.72 -2.41
CA GLY B 16 -6.90 23.70 -1.38
C GLY B 16 -7.69 22.47 -1.76
N THR B 17 -7.22 21.29 -1.37
CA THR B 17 -7.97 20.08 -1.68
C THR B 17 -9.01 19.85 -0.58
N PRO B 18 -10.22 19.45 -0.98
CA PRO B 18 -11.33 19.32 -0.03
C PRO B 18 -11.21 18.03 0.78
N LYS B 19 -11.70 18.06 2.01
CA LYS B 19 -11.67 16.89 2.89
C LYS B 19 -12.89 16.74 3.80
N SER B 20 -12.84 15.69 4.60
CA SER B 20 -13.93 15.30 5.50
C SER B 20 -13.43 14.02 6.17
N ASP B 21 -13.99 13.68 7.33
CA ASP B 21 -15.04 14.44 7.96
C ASP B 21 -14.89 14.43 9.47
N THR B 25 -15.35 17.61 10.21
CA THR B 25 -16.16 18.80 9.97
C THR B 25 -16.16 19.16 8.49
N GLY B 26 -14.99 19.06 7.84
CA GLY B 26 -14.85 19.44 6.44
C GLY B 26 -13.90 20.62 6.26
N THR B 27 -12.92 20.47 5.36
CA THR B 27 -11.91 21.52 5.14
C THR B 27 -11.45 21.63 3.67
N ARG B 28 -10.79 22.74 3.38
CA ARG B 28 -9.91 22.83 2.22
C ARG B 28 -8.51 22.97 2.79
N SER B 29 -7.53 22.27 2.23
CA SER B 29 -6.19 22.22 2.84
CA SER B 29 -6.20 22.29 2.82
C SER B 29 -5.04 22.24 1.83
N LEU B 30 -3.92 22.83 2.23
CA LEU B 30 -2.66 22.67 1.52
C LEU B 30 -1.65 22.33 2.59
N PHE B 31 -0.51 21.79 2.19
CA PHE B 31 0.51 21.35 3.14
C PHE B 31 1.84 22.03 2.87
N GLY B 32 2.55 22.39 3.95
CA GLY B 32 3.89 22.93 3.81
C GLY B 32 3.92 24.30 3.19
N GLN B 33 3.36 25.30 3.88
CA GLN B 33 3.34 26.66 3.37
C GLN B 33 4.06 27.56 4.37
N GLN B 34 4.49 28.72 3.89
CA GLN B 34 5.37 29.58 4.68
C GLN B 34 4.98 31.04 4.48
N MET B 35 5.04 31.83 5.55
CA MET B 35 4.85 33.26 5.47
C MET B 35 6.06 33.90 6.13
N ARG B 36 6.41 35.10 5.71
CA ARG B 36 7.41 35.83 6.46
C ARG B 36 7.05 37.30 6.63
N TYR B 37 7.35 37.81 7.80
CA TYR B 37 7.06 39.20 8.11
C TYR B 37 8.35 39.87 8.56
N ASP B 38 8.56 41.09 8.10
CA ASP B 38 9.69 41.91 8.55
C ASP B 38 9.25 42.70 9.78
N LEU B 39 9.61 42.22 10.95
CA LEU B 39 9.17 42.82 12.19
C LEU B 39 9.67 44.26 12.37
N SER B 40 10.76 44.61 11.71
CA SER B 40 11.32 45.95 11.83
C SER B 40 10.45 46.99 11.12
N ALA B 41 9.59 46.53 10.21
CA ALA B 41 8.76 47.41 9.41
C ALA B 41 7.34 47.53 9.94
N GLY B 42 7.02 46.78 10.98
CA GLY B 42 5.68 46.78 11.53
C GLY B 42 5.38 45.53 12.31
N PHE B 43 4.36 45.60 13.17
CA PHE B 43 3.94 44.47 13.97
C PHE B 43 2.77 43.76 13.28
N PRO B 44 2.91 42.45 13.06
CA PRO B 44 1.95 41.76 12.19
C PRO B 44 0.61 41.39 12.84
N LEU B 45 -0.07 42.38 13.42
CA LEU B 45 -1.44 42.19 13.87
C LEU B 45 -2.34 42.53 12.68
N LEU B 46 -3.10 41.55 12.20
CA LEU B 46 -3.89 41.75 10.99
C LEU B 46 -4.82 42.96 11.11
N THR B 47 -5.02 43.66 9.99
CA THR B 47 -5.91 44.81 9.91
C THR B 47 -7.16 44.48 9.08
N THR B 48 -7.17 43.34 8.39
CA THR B 48 -8.35 42.96 7.58
C THR B 48 -9.47 42.40 8.47
N LYS B 49 -9.16 42.24 9.76
CA LYS B 49 -10.17 42.10 10.81
C LYS B 49 -9.56 42.52 12.12
N LYS B 50 -10.38 42.95 13.06
CA LYS B 50 -9.88 43.29 14.38
C LYS B 50 -9.55 42.00 15.14
N VAL B 51 -8.26 41.76 15.35
CA VAL B 51 -7.80 40.60 16.10
C VAL B 51 -7.84 40.91 17.59
N HIS B 52 -8.27 39.94 18.40
CA HIS B 52 -8.37 40.15 19.85
C HIS B 52 -7.00 40.00 20.52
N PHE B 53 -6.20 41.04 20.39
CA PHE B 53 -4.81 41.01 20.84
C PHE B 53 -4.70 40.81 22.34
N LYS B 54 -5.73 41.22 23.08
CA LYS B 54 -5.78 41.00 24.52
C LYS B 54 -5.65 39.52 24.87
N SER B 55 -6.41 38.67 24.18
CA SER B 55 -6.29 37.23 24.35
C SER B 55 -4.89 36.75 23.94
N VAL B 56 -4.37 37.30 22.84
CA VAL B 56 -3.05 36.90 22.35
C VAL B 56 -1.97 37.21 23.36
N ALA B 57 -1.98 38.43 23.89
CA ALA B 57 -0.97 38.87 24.85
C ALA B 57 -1.05 38.08 26.16
N TYR B 58 -2.26 37.97 26.74
CA TYR B 58 -2.42 37.21 27.98
C TYR B 58 -2.05 35.75 27.83
N GLU B 59 -2.42 35.15 26.70
CA GLU B 59 -2.12 33.73 26.50
C GLU B 59 -0.60 33.52 26.48
N LEU B 60 0.11 34.43 25.84
CA LEU B 60 1.55 34.32 25.75
C LEU B 60 2.18 34.49 27.13
N LEU B 61 1.75 35.51 27.87
CA LEU B 61 2.27 35.69 29.23
C LEU B 61 2.04 34.42 30.05
N TRP B 62 0.87 33.82 29.84
CA TRP B 62 0.50 32.60 30.55
C TRP B 62 1.40 31.41 30.16
N PHE B 63 1.74 31.29 28.87
CA PHE B 63 2.69 30.26 28.44
C PHE B 63 4.01 30.48 29.19
N LEU B 64 4.41 31.73 29.32
CA LEU B 64 5.69 32.07 29.94
C LEU B 64 5.73 31.74 31.43
N ARG B 65 4.57 31.71 32.06
CA ARG B 65 4.51 31.29 33.47
C ARG B 65 4.75 29.80 33.65
N GLY B 66 4.62 29.03 32.56
CA GLY B 66 4.72 27.59 32.64
C GLY B 66 3.58 26.97 33.43
N ASP B 67 2.38 27.54 33.26
CA ASP B 67 1.18 27.15 34.00
C ASP B 67 0.43 26.06 33.27
N SER B 68 0.00 25.03 34.01
CA SER B 68 -0.86 24.01 33.41
C SER B 68 -2.35 24.26 33.72
N ASN B 69 -2.63 25.32 34.48
CA ASN B 69 -3.99 25.64 34.90
C ASN B 69 -4.52 26.90 34.22
N ILE B 70 -5.80 26.90 33.83
CA ILE B 70 -6.40 28.04 33.12
C ILE B 70 -6.62 29.27 34.00
N GLY B 71 -6.65 29.06 35.31
CA GLY B 71 -7.10 30.08 36.26
C GLY B 71 -6.62 31.50 36.00
N TRP B 72 -5.31 31.67 35.90
CA TRP B 72 -4.71 32.98 35.67
C TRP B 72 -5.21 33.60 34.36
N LEU B 73 -5.33 32.78 33.32
CA LEU B 73 -5.84 33.23 32.03
C LEU B 73 -7.31 33.59 32.17
N HIS B 74 -8.07 32.66 32.74
CA HIS B 74 -9.51 32.83 32.85
C HIS B 74 -9.89 34.05 33.65
N GLU B 75 -9.19 34.29 34.74
CA GLU B 75 -9.55 35.41 35.61
C GLU B 75 -9.16 36.75 34.99
N HIS B 76 -8.46 36.73 33.86
CA HIS B 76 -8.13 37.97 33.17
C HIS B 76 -9.04 38.20 31.98
N GLY B 77 -10.16 37.48 31.95
CA GLY B 77 -11.13 37.65 30.89
C GLY B 77 -10.77 36.98 29.57
N VAL B 78 -9.88 36.00 29.63
CA VAL B 78 -9.49 35.23 28.44
C VAL B 78 -9.92 33.79 28.58
N THR B 79 -10.82 33.36 27.71
CA THR B 79 -11.53 32.12 27.90
C THR B 79 -11.27 31.09 26.80
N ILE B 80 -10.31 31.38 25.92
CA ILE B 80 -10.05 30.50 24.77
C ILE B 80 -9.71 29.07 25.16
N TRP B 81 -9.16 28.89 26.36
CA TRP B 81 -8.73 27.57 26.82
C TRP B 81 -9.74 26.87 27.72
N ASP B 82 -10.77 27.59 28.14
CA ASP B 82 -11.74 27.07 29.11
C ASP B 82 -12.34 25.72 28.72
N GLU B 83 -12.73 25.58 27.46
CA GLU B 83 -13.42 24.37 27.00
C GLU B 83 -12.60 23.10 27.17
N TRP B 84 -11.28 23.23 27.16
CA TRP B 84 -10.40 22.07 27.23
C TRP B 84 -9.94 21.69 28.65
N ALA B 85 -10.22 22.58 29.60
CA ALA B 85 -9.75 22.39 30.96
C ALA B 85 -10.49 21.26 31.68
N SER B 86 -9.86 20.75 32.73
CA SER B 86 -10.47 19.75 33.59
C SER B 86 -11.36 20.45 34.58
N ASP B 87 -11.90 19.67 35.52
CA ASP B 87 -12.69 20.17 36.63
C ASP B 87 -11.94 21.25 37.40
N THR B 88 -10.67 20.97 37.65
CA THR B 88 -9.81 21.82 38.47
C THR B 88 -9.20 22.98 37.68
N GLY B 89 -9.48 23.03 36.38
CA GLY B 89 -8.85 23.99 35.49
C GLY B 89 -7.60 23.49 34.81
N GLU B 90 -7.25 22.22 35.03
CA GLU B 90 -6.00 21.64 34.52
C GLU B 90 -6.05 21.22 33.06
N LEU B 91 -4.89 21.25 32.41
CA LEU B 91 -4.78 20.95 30.98
C LEU B 91 -3.74 19.88 30.64
N GLY B 92 -3.00 19.42 31.65
CA GLY B 92 -1.83 18.60 31.39
C GLY B 92 -0.65 19.48 31.01
N PRO B 93 0.51 18.87 30.70
CA PRO B 93 1.73 19.68 30.54
C PRO B 93 1.84 20.30 29.15
N ILE B 94 0.94 21.22 28.84
CA ILE B 94 0.90 21.86 27.53
C ILE B 94 1.97 22.94 27.37
N TYR B 95 2.02 23.54 26.18
CA TYR B 95 2.98 24.56 25.79
C TYR B 95 3.95 25.08 26.84
N GLY B 96 3.47 25.96 27.71
CA GLY B 96 4.32 26.62 28.68
C GLY B 96 5.07 25.70 29.62
N VAL B 97 4.43 24.60 30.00
CA VAL B 97 5.08 23.60 30.86
C VAL B 97 6.31 23.01 30.13
N GLN B 98 6.19 22.80 28.83
CA GLN B 98 7.32 22.26 28.08
C GLN B 98 8.38 23.34 27.86
N TRP B 99 7.93 24.56 27.57
CA TRP B 99 8.84 25.69 27.37
C TRP B 99 9.69 25.91 28.61
N ARG B 100 9.07 25.86 29.77
CA ARG B 100 9.74 26.27 31.00
C ARG B 100 10.28 25.11 31.79
N SER B 101 9.71 23.92 31.59
CA SER B 101 10.09 22.79 32.42
C SER B 101 9.91 21.43 31.75
N TRP B 102 10.52 21.26 30.59
CA TRP B 102 10.61 19.95 29.94
C TRP B 102 11.30 18.97 30.91
N PRO B 103 10.62 17.87 31.28
CA PRO B 103 11.23 16.95 32.26
C PRO B 103 12.32 16.10 31.64
N ALA B 104 13.54 16.24 32.13
CA ALA B 104 14.67 15.45 31.66
C ALA B 104 14.75 14.12 32.41
N PRO B 105 15.52 13.16 31.86
CA PRO B 105 15.66 11.84 32.47
C PRO B 105 16.29 11.92 33.86
N SER B 106 17.19 12.88 34.06
CA SER B 106 17.88 13.07 35.33
C SER B 106 16.94 13.48 36.45
N GLY B 107 15.70 13.79 36.11
CA GLY B 107 14.77 14.33 37.08
C GLY B 107 14.81 15.85 37.03
N GLU B 108 15.86 16.38 36.41
CA GLU B 108 15.97 17.82 36.21
C GLU B 108 14.86 18.29 35.29
N HIS B 109 14.59 19.60 35.31
CA HIS B 109 13.62 20.20 34.42
C HIS B 109 14.31 21.28 33.61
N ILE B 110 14.10 21.24 32.30
CA ILE B 110 14.80 22.14 31.37
CA ILE B 110 14.80 22.13 31.38
C ILE B 110 13.97 23.37 31.02
N ASP B 111 14.52 24.55 31.34
CA ASP B 111 13.89 25.83 31.03
C ASP B 111 14.42 26.27 29.67
N GLN B 112 13.72 25.90 28.60
CA GLN B 112 14.17 26.16 27.24
C GLN B 112 14.16 27.64 26.89
N ILE B 113 13.28 28.40 27.54
CA ILE B 113 13.23 29.83 27.31
C ILE B 113 14.50 30.47 27.85
N SER B 114 14.84 30.18 29.10
CA SER B 114 16.08 30.73 29.65
C SER B 114 17.31 30.27 28.88
N ALA B 115 17.34 29.01 28.46
CA ALA B 115 18.47 28.46 27.70
C ALA B 115 18.62 29.15 26.33
N ALA B 116 17.50 29.43 25.68
CA ALA B 116 17.51 30.13 24.41
C ALA B 116 18.06 31.55 24.57
N LEU B 117 17.61 32.24 25.62
CA LEU B 117 18.08 33.60 25.91
C LEU B 117 19.58 33.59 26.18
N ASP B 118 20.02 32.58 26.93
CA ASP B 118 21.42 32.37 27.23
C ASP B 118 22.30 32.30 25.95
N LEU B 119 21.88 31.46 25.01
CA LEU B 119 22.57 31.37 23.72
C LEU B 119 22.57 32.70 22.96
N LEU B 120 21.43 33.38 22.98
CA LEU B 120 21.31 34.61 22.23
C LEU B 120 22.30 35.65 22.76
N ARG B 121 22.59 35.56 24.05
CA ARG B 121 23.49 36.51 24.68
C ARG B 121 24.96 36.14 24.54
N THR B 122 25.27 34.84 24.65
CA THR B 122 26.66 34.40 24.70
C THR B 122 27.15 33.71 23.42
N ASP B 123 26.23 33.25 22.58
CA ASP B 123 26.60 32.54 21.36
C ASP B 123 25.53 32.71 20.31
N PRO B 124 25.29 33.95 19.88
CA PRO B 124 24.15 34.27 19.01
C PRO B 124 24.25 33.62 17.63
N ASP B 125 25.44 33.20 17.21
CA ASP B 125 25.58 32.49 15.94
C ASP B 125 25.18 31.03 16.03
N SER B 126 24.76 30.57 17.20
CA SER B 126 24.40 29.16 17.37
C SER B 126 23.26 28.72 16.45
N ARG B 127 23.38 27.52 15.88
CA ARG B 127 22.33 27.00 15.01
C ARG B 127 21.40 26.02 15.75
N ARG B 128 21.44 26.11 17.07
CA ARG B 128 20.70 25.19 17.93
C ARG B 128 19.81 25.95 18.91
N ILE B 129 19.50 27.20 18.61
CA ILE B 129 18.65 27.97 19.52
C ILE B 129 17.18 27.65 19.29
N ILE B 130 16.75 26.58 19.96
CA ILE B 130 15.49 25.91 19.67
C ILE B 130 14.64 25.71 20.93
N VAL B 131 13.34 25.96 20.81
CA VAL B 131 12.39 25.66 21.87
C VAL B 131 11.36 24.71 21.27
N SER B 132 11.14 23.58 21.93
CA SER B 132 10.17 22.62 21.44
C SER B 132 9.07 22.33 22.47
N ALA B 133 7.83 22.31 22.01
CA ALA B 133 6.72 21.81 22.81
C ALA B 133 6.38 20.38 22.44
N TRP B 134 6.94 19.87 21.34
CA TRP B 134 6.61 18.51 20.89
C TRP B 134 7.28 17.44 21.74
N ASN B 135 6.81 17.30 22.97
CA ASN B 135 7.35 16.28 23.86
C ASN B 135 6.61 14.96 23.65
N VAL B 136 7.20 14.08 22.84
CA VAL B 136 6.50 12.91 22.33
C VAL B 136 5.86 12.06 23.44
N GLY B 137 6.62 11.80 24.49
CA GLY B 137 6.14 10.99 25.61
C GLY B 137 5.08 11.64 26.51
N GLU B 138 4.84 12.94 26.38
CA GLU B 138 3.92 13.62 27.30
C GLU B 138 2.64 14.09 26.62
N ILE B 139 2.60 13.99 25.30
CA ILE B 139 1.47 14.49 24.52
C ILE B 139 0.15 13.81 24.86
N GLU B 140 0.20 12.55 25.27
CA GLU B 140 -1.00 11.84 25.67
C GLU B 140 -1.60 12.42 26.97
N ARG B 141 -0.75 13.05 27.78
CA ARG B 141 -1.17 13.71 29.03
C ARG B 141 -1.78 15.09 28.79
N MET B 142 -1.55 15.67 27.63
CA MET B 142 -2.04 17.02 27.34
C MET B 142 -3.50 16.96 26.90
N ALA B 143 -4.24 18.03 27.18
CA ALA B 143 -5.62 18.14 26.73
C ALA B 143 -5.68 18.00 25.21
N LEU B 144 -4.73 18.61 24.53
CA LEU B 144 -4.57 18.41 23.10
C LEU B 144 -3.12 18.58 22.68
N PRO B 145 -2.72 17.94 21.58
CA PRO B 145 -1.32 18.02 21.19
C PRO B 145 -0.98 19.41 20.70
N PRO B 146 0.26 19.85 20.97
CA PRO B 146 0.75 21.16 20.56
C PRO B 146 0.52 21.41 19.08
N CYS B 147 0.04 22.60 18.74
CA CYS B 147 -0.13 22.97 17.34
CA CYS B 147 -0.16 23.00 17.36
C CYS B 147 1.07 23.78 16.89
N HIS B 148 1.34 24.88 17.57
CA HIS B 148 2.55 25.63 17.32
C HIS B 148 3.64 24.89 18.09
N ALA B 149 4.35 24.02 17.39
CA ALA B 149 5.05 22.92 18.03
C ALA B 149 6.49 23.20 18.41
N PHE B 150 7.16 24.05 17.64
CA PHE B 150 8.60 24.05 17.64
C PHE B 150 9.02 25.38 17.04
N PHE B 151 9.97 26.08 17.66
CA PHE B 151 10.48 27.31 17.05
C PHE B 151 11.99 27.52 17.23
N GLN B 152 12.56 28.31 16.33
CA GLN B 152 14.00 28.52 16.27
C GLN B 152 14.36 29.99 16.14
N PHE B 153 15.44 30.40 16.81
CA PHE B 153 15.97 31.77 16.69
C PHE B 153 17.27 31.84 15.90
N TYR B 154 17.53 33.03 15.36
CA TYR B 154 18.64 33.28 14.46
C TYR B 154 18.99 34.74 14.56
N VAL B 155 20.28 35.05 14.50
CA VAL B 155 20.73 36.42 14.66
C VAL B 155 21.64 36.83 13.51
N ALA B 156 21.33 37.96 12.87
CA ALA B 156 22.23 38.50 11.84
C ALA B 156 22.30 40.02 11.91
N ASP B 157 23.51 40.53 12.12
CA ASP B 157 23.74 41.96 12.24
C ASP B 157 22.93 42.61 13.37
N GLY B 158 22.83 41.91 14.49
CA GLY B 158 22.17 42.44 15.67
C GLY B 158 20.66 42.35 15.63
N ARG B 159 20.12 41.63 14.65
CA ARG B 159 18.67 41.50 14.51
C ARG B 159 18.26 40.06 14.75
N LEU B 160 17.18 39.88 15.51
CA LEU B 160 16.71 38.57 15.90
C LEU B 160 15.59 38.11 14.99
N SER B 161 15.76 36.96 14.35
CA SER B 161 14.66 36.36 13.61
C SER B 161 14.14 35.13 14.32
N CYS B 162 12.91 34.74 14.00
CA CYS B 162 12.29 33.59 14.64
C CYS B 162 11.48 32.83 13.61
N GLN B 163 11.65 31.51 13.59
CA GLN B 163 10.83 30.69 12.73
C GLN B 163 10.02 29.71 13.56
N LEU B 164 8.71 29.66 13.31
CA LEU B 164 7.84 28.73 14.03
C LEU B 164 7.46 27.63 13.08
N TYR B 165 7.51 26.38 13.57
CA TYR B 165 6.89 25.30 12.82
C TYR B 165 5.53 25.01 13.44
N GLN B 166 4.47 25.18 12.66
CA GLN B 166 3.12 24.93 13.16
C GLN B 166 2.49 23.75 12.45
N ARG B 167 2.29 22.65 13.16
CA ARG B 167 1.89 21.40 12.53
C ARG B 167 0.51 21.43 11.91
N SER B 168 -0.34 22.32 12.42
CA SER B 168 -1.74 22.31 12.03
C SER B 168 -2.26 23.73 12.15
N ALA B 169 -2.99 24.20 11.15
CA ALA B 169 -3.30 25.61 11.13
C ALA B 169 -4.71 25.89 10.67
N ASP B 170 -5.58 26.22 11.62
CA ASP B 170 -6.88 26.80 11.29
C ASP B 170 -6.60 28.21 10.80
N LEU B 171 -6.62 28.39 9.48
CA LEU B 171 -6.21 29.66 8.89
C LEU B 171 -7.07 30.84 9.32
N PHE B 172 -8.38 30.65 9.39
CA PHE B 172 -9.24 31.75 9.77
C PHE B 172 -9.14 32.09 11.26
N LEU B 173 -9.28 31.09 12.13
CA LEU B 173 -9.33 31.36 13.57
C LEU B 173 -7.98 31.38 14.30
N GLY B 174 -7.16 30.34 14.08
CA GLY B 174 -5.91 30.21 14.83
C GLY B 174 -4.75 31.06 14.36
N VAL B 175 -4.49 31.06 13.06
CA VAL B 175 -3.26 31.67 12.56
C VAL B 175 -3.04 33.16 12.88
N PRO B 176 -4.10 33.98 12.87
CA PRO B 176 -3.84 35.40 13.20
C PRO B 176 -3.34 35.54 14.63
N PHE B 177 -3.78 34.64 15.51
CA PHE B 177 -3.28 34.57 16.88
C PHE B 177 -1.81 34.14 16.90
N ASN B 178 -1.56 32.97 16.31
CA ASN B 178 -0.21 32.43 16.22
C ASN B 178 0.81 33.44 15.69
N ILE B 179 0.45 34.17 14.64
CA ILE B 179 1.35 35.17 14.08
C ILE B 179 1.67 36.29 15.07
N ALA B 180 0.63 36.84 15.70
CA ALA B 180 0.86 37.96 16.60
C ALA B 180 1.61 37.47 17.84
N SER B 181 1.27 36.26 18.28
CA SER B 181 1.86 35.69 19.49
C SER B 181 3.37 35.53 19.38
N TYR B 182 3.81 34.88 18.30
CA TYR B 182 5.23 34.64 18.11
C TYR B 182 5.97 35.93 17.77
N ALA B 183 5.30 36.84 17.07
CA ALA B 183 5.89 38.13 16.79
C ALA B 183 6.15 38.86 18.11
N LEU B 184 5.18 38.77 19.01
CA LEU B 184 5.32 39.41 20.32
C LEU B 184 6.43 38.74 21.11
N LEU B 185 6.43 37.41 21.12
CA LEU B 185 7.52 36.67 21.76
C LEU B 185 8.87 37.11 21.20
N THR B 186 8.96 37.26 19.88
CA THR B 186 10.23 37.65 19.28
C THR B 186 10.70 39.03 19.77
N HIS B 187 9.75 39.96 19.97
CA HIS B 187 10.10 41.26 20.54
C HIS B 187 10.62 41.13 21.96
N MET B 188 9.96 40.31 22.76
CA MET B 188 10.40 40.09 24.15
C MET B 188 11.82 39.50 24.23
N MET B 189 12.07 38.45 23.45
CA MET B 189 13.37 37.81 23.42
C MET B 189 14.46 38.78 22.94
N ALA B 190 14.16 39.50 21.86
CA ALA B 190 15.10 40.49 21.34
C ALA B 190 15.46 41.52 22.41
N ALA B 191 14.45 42.12 23.02
CA ALA B 191 14.68 43.12 24.06
C ALA B 191 15.52 42.55 25.21
N GLN B 192 15.22 41.33 25.63
CA GLN B 192 15.97 40.72 26.74
C GLN B 192 17.39 40.31 26.35
N ALA B 193 17.61 40.03 25.07
CA ALA B 193 18.94 39.66 24.59
C ALA B 193 19.71 40.87 24.11
N GLY B 194 19.03 42.02 24.10
CA GLY B 194 19.65 43.27 23.66
C GLY B 194 19.90 43.27 22.16
N LEU B 195 18.90 42.82 21.41
CA LEU B 195 18.95 42.80 19.96
C LEU B 195 17.76 43.59 19.45
N SER B 196 17.78 43.96 18.18
CA SER B 196 16.58 44.51 17.57
C SER B 196 15.90 43.38 16.80
N VAL B 197 14.71 43.63 16.27
CA VAL B 197 13.94 42.56 15.64
C VAL B 197 14.20 42.42 14.13
N GLY B 198 14.19 41.18 13.64
CA GLY B 198 14.38 40.90 12.24
C GLY B 198 13.10 40.37 11.63
N GLU B 199 13.12 39.11 11.22
CA GLU B 199 11.95 38.54 10.56
C GLU B 199 11.27 37.51 11.42
N PHE B 200 9.96 37.43 11.29
CA PHE B 200 9.24 36.28 11.78
C PHE B 200 8.85 35.43 10.58
N ILE B 201 9.28 34.16 10.60
CA ILE B 201 8.91 33.21 9.56
C ILE B 201 7.94 32.17 10.13
N TRP B 202 6.77 32.07 9.51
CA TRP B 202 5.76 31.11 9.93
C TRP B 202 5.76 29.99 8.91
N THR B 203 6.01 28.76 9.37
CA THR B 203 5.94 27.59 8.50
C THR B 203 4.84 26.67 8.97
N GLY B 204 3.94 26.33 8.07
CA GLY B 204 2.79 25.51 8.40
C GLY B 204 2.85 24.10 7.82
N GLY B 205 2.34 23.13 8.57
CA GLY B 205 2.16 21.78 8.08
C GLY B 205 0.83 21.77 7.34
N ASP B 206 -0.21 21.24 8.00
CA ASP B 206 -1.55 21.18 7.40
C ASP B 206 -2.24 22.56 7.53
N CYS B 207 -2.36 23.28 6.42
CA CYS B 207 -2.95 24.62 6.44
C CYS B 207 -4.36 24.56 5.88
N HIS B 208 -5.35 24.83 6.73
CA HIS B 208 -6.71 24.58 6.30
C HIS B 208 -7.70 25.70 6.59
N ILE B 209 -8.75 25.73 5.78
CA ILE B 209 -9.87 26.59 6.00
C ILE B 209 -11.05 25.67 6.26
N TYR B 210 -11.72 25.84 7.40
CA TYR B 210 -12.91 25.05 7.69
C TYR B 210 -14.07 25.50 6.81
N ASP B 211 -14.84 24.52 6.32
CA ASP B 211 -15.99 24.80 5.44
C ASP B 211 -16.96 25.80 6.05
N ASN B 212 -17.09 25.79 7.37
CA ASN B 212 -18.00 26.72 8.03
C ASN B 212 -17.37 28.09 8.28
N HIS B 213 -16.19 28.34 7.69
CA HIS B 213 -15.56 29.66 7.80
C HIS B 213 -15.50 30.35 6.47
N VAL B 214 -16.04 29.70 5.45
CA VAL B 214 -15.82 30.17 4.09
C VAL B 214 -16.36 31.59 3.84
N GLU B 215 -17.57 31.86 4.31
CA GLU B 215 -18.16 33.19 4.12
C GLU B 215 -17.39 34.26 4.87
N GLN B 216 -16.92 33.91 6.08
CA GLN B 216 -16.12 34.84 6.88
C GLN B 216 -14.81 35.14 6.16
N VAL B 217 -14.26 34.15 5.47
CA VAL B 217 -12.98 34.30 4.79
C VAL B 217 -13.17 35.21 3.57
N ARG B 218 -14.19 34.92 2.78
CA ARG B 218 -14.51 35.73 1.61
C ARG B 218 -14.75 37.19 1.99
N LEU B 219 -15.34 37.41 3.16
CA LEU B 219 -15.56 38.76 3.66
C LEU B 219 -14.22 39.42 3.98
N GLN B 220 -13.36 38.68 4.67
CA GLN B 220 -12.04 39.20 5.02
C GLN B 220 -11.21 39.49 3.78
N LEU B 221 -11.34 38.62 2.78
CA LEU B 221 -10.55 38.77 1.56
C LEU B 221 -11.06 39.90 0.65
N SER B 222 -12.28 40.40 0.90
CA SER B 222 -12.80 41.52 0.12
C SER B 222 -12.34 42.88 0.68
N ARG B 223 -11.72 42.87 1.84
CA ARG B 223 -11.24 44.11 2.45
C ARG B 223 -9.80 44.44 2.07
N GLU B 224 -9.57 45.73 1.86
CA GLU B 224 -8.24 46.24 1.54
C GLU B 224 -7.41 46.32 2.82
N PRO B 225 -6.24 45.68 2.82
CA PRO B 225 -5.31 45.76 3.95
C PRO B 225 -4.80 47.17 4.21
N ARG B 226 -4.58 47.48 5.49
CA ARG B 226 -4.11 48.80 5.90
C ARG B 226 -2.73 48.67 6.49
N PRO B 227 -2.04 49.79 6.71
CA PRO B 227 -0.71 49.76 7.32
C PRO B 227 -0.72 49.08 8.69
N TYR B 228 0.29 48.24 8.96
CA TYR B 228 0.41 47.54 10.23
C TYR B 228 0.71 48.49 11.39
N PRO B 229 0.27 48.12 12.61
CA PRO B 229 0.58 48.90 13.81
C PRO B 229 2.05 48.76 14.23
N LYS B 230 2.45 49.48 15.27
CA LYS B 230 3.78 49.34 15.86
C LYS B 230 3.69 48.82 17.31
N LEU B 231 4.63 47.96 17.71
CA LEU B 231 4.69 47.45 19.08
C LEU B 231 5.75 48.14 19.92
N LEU B 232 5.39 48.48 21.16
CA LEU B 232 6.32 49.07 22.11
C LEU B 232 6.27 48.26 23.40
N LEU B 233 7.44 47.91 23.92
CA LEU B 233 7.55 47.17 25.17
C LEU B 233 8.24 48.03 26.20
N ALA B 234 7.57 48.25 27.32
CA ALA B 234 8.20 48.89 28.46
C ALA B 234 9.42 48.05 28.86
N ASP B 235 10.37 48.66 29.55
CA ASP B 235 11.58 47.97 29.97
C ASP B 235 11.34 47.01 31.12
N ARG B 236 11.97 45.84 31.07
CA ARG B 236 11.94 44.87 32.16
C ARG B 236 13.29 44.16 32.24
N ASP B 237 13.63 43.66 33.43
CA ASP B 237 14.92 43.01 33.66
C ASP B 237 14.87 41.54 33.28
N SER B 238 13.68 41.05 32.96
CA SER B 238 13.46 39.62 32.73
C SER B 238 12.22 39.42 31.87
N ILE B 239 12.27 38.44 30.98
CA ILE B 239 11.13 38.14 30.13
C ILE B 239 9.96 37.66 31.00
N PHE B 240 10.30 37.07 32.15
CA PHE B 240 9.30 36.54 33.05
C PHE B 240 8.63 37.61 33.91
N GLU B 241 9.06 38.86 33.72
CA GLU B 241 8.48 39.97 34.47
C GLU B 241 7.65 40.93 33.60
N TYR B 242 7.58 40.68 32.30
CA TYR B 242 6.69 41.47 31.46
C TYR B 242 5.25 41.31 31.93
N THR B 243 4.50 42.41 31.94
CA THR B 243 3.07 42.33 32.20
C THR B 243 2.30 42.78 30.99
N TYR B 244 1.00 42.58 31.03
CA TYR B 244 0.11 43.01 29.95
C TYR B 244 0.28 44.50 29.69
N GLU B 245 0.41 45.28 30.77
CA GLU B 245 0.49 46.73 30.64
C GLU B 245 1.78 47.20 29.97
N ASP B 246 2.80 46.36 30.00
CA ASP B 246 4.06 46.66 29.30
C ASP B 246 3.91 46.65 27.78
N ILE B 247 2.87 45.99 27.31
CA ILE B 247 2.69 45.76 25.87
C ILE B 247 1.76 46.81 25.28
N VAL B 248 2.31 47.66 24.42
CA VAL B 248 1.53 48.72 23.81
C VAL B 248 1.57 48.65 22.28
N VAL B 249 0.38 48.49 21.69
CA VAL B 249 0.24 48.50 20.24
C VAL B 249 -0.28 49.86 19.77
N LYS B 250 0.52 50.54 18.96
CA LYS B 250 0.17 51.88 18.48
C LYS B 250 -0.33 51.86 17.04
N ASN B 251 -1.24 52.77 16.73
CA ASN B 251 -1.70 52.96 15.36
C ASN B 251 -2.40 51.72 14.79
N TYR B 252 -3.10 50.98 15.64
CA TYR B 252 -3.84 49.81 15.17
C TYR B 252 -5.22 50.24 14.66
N ASP B 253 -5.44 50.10 13.35
CA ASP B 253 -6.65 50.64 12.74
C ASP B 253 -7.34 49.63 11.83
N PRO B 254 -7.80 48.51 12.41
CA PRO B 254 -8.32 47.38 11.65
C PRO B 254 -9.76 47.57 11.22
N HIS B 255 -10.14 46.84 10.18
CA HIS B 255 -11.54 46.62 9.83
C HIS B 255 -12.22 45.94 11.01
N PRO B 256 -13.56 45.88 10.99
CA PRO B 256 -14.26 45.25 12.11
C PRO B 256 -13.89 43.79 12.35
N ALA B 257 -13.87 43.41 13.61
CA ALA B 257 -13.82 42.01 14.00
C ALA B 257 -14.83 41.21 13.19
N ILE B 258 -14.53 39.93 13.00
CA ILE B 258 -15.39 39.00 12.30
C ILE B 258 -15.66 37.84 13.26
N LYS B 259 -16.89 37.70 13.71
CA LYS B 259 -17.23 36.72 14.72
C LYS B 259 -16.97 35.26 14.29
N ALA B 260 -16.33 34.50 15.16
CA ALA B 260 -16.17 33.07 14.97
C ALA B 260 -17.55 32.43 14.95
N PRO B 261 -17.88 31.71 13.87
CA PRO B 261 -19.17 31.03 13.73
C PRO B 261 -19.41 30.04 14.88
N VAL B 262 -20.68 29.80 15.23
CA VAL B 262 -21.02 28.80 16.23
C VAL B 262 -21.26 27.42 15.60
N MET C 2 -6.42 -43.37 2.82
CA MET C 2 -6.29 -42.05 2.19
C MET C 2 -7.48 -41.16 2.48
N THR C 3 -7.22 -40.04 3.14
CA THR C 3 -8.28 -39.13 3.58
C THR C 3 -7.92 -37.68 3.23
N PRO C 4 -7.97 -37.33 1.94
CA PRO C 4 -7.66 -35.97 1.49
C PRO C 4 -8.49 -34.95 2.27
N TYR C 5 -9.78 -35.20 2.44
CA TYR C 5 -10.65 -34.21 3.06
C TYR C 5 -10.24 -33.97 4.51
N GLU C 6 -10.16 -35.05 5.29
CA GLU C 6 -9.79 -34.93 6.70
C GLU C 6 -8.40 -34.32 6.87
N ASP C 7 -7.46 -34.68 6.00
CA ASP C 7 -6.12 -34.12 6.04
C ASP C 7 -6.16 -32.62 5.87
N LEU C 8 -6.86 -32.17 4.83
CA LEU C 8 -6.97 -30.74 4.55
C LEU C 8 -7.67 -30.04 5.69
N LEU C 9 -8.77 -30.62 6.15
CA LEU C 9 -9.50 -30.09 7.29
C LEU C 9 -8.56 -29.88 8.48
N ARG C 10 -7.72 -30.87 8.73
CA ARG C 10 -6.78 -30.81 9.85
CA ARG C 10 -6.74 -30.85 9.82
C ARG C 10 -5.72 -29.74 9.60
N PHE C 11 -5.27 -29.63 8.35
CA PHE C 11 -4.26 -28.68 7.95
C PHE C 11 -4.73 -27.25 8.18
N VAL C 12 -5.93 -26.94 7.73
CA VAL C 12 -6.47 -25.59 7.92
C VAL C 12 -6.71 -25.32 9.40
N LEU C 13 -7.13 -26.34 10.14
CA LEU C 13 -7.37 -26.18 11.56
C LEU C 13 -6.09 -25.77 12.29
N GLU C 14 -4.97 -26.36 11.89
CA GLU C 14 -3.70 -26.15 12.57
C GLU C 14 -2.91 -24.96 12.04
N THR C 15 -2.96 -24.72 10.74
CA THR C 15 -2.11 -23.69 10.14
C THR C 15 -2.87 -22.54 9.49
N GLY C 16 -4.21 -22.61 9.52
CA GLY C 16 -5.04 -21.59 8.90
C GLY C 16 -4.83 -20.23 9.55
N THR C 17 -4.93 -19.17 8.74
CA THR C 17 -4.83 -17.82 9.29
C THR C 17 -6.16 -17.34 9.83
N PRO C 18 -6.14 -16.73 11.03
CA PRO C 18 -7.34 -16.09 11.57
C PRO C 18 -7.77 -14.97 10.63
N LYS C 19 -9.07 -14.85 10.36
CA LYS C 19 -9.52 -13.92 9.32
C LYS C 19 -11.02 -13.65 9.40
N SER C 20 -11.39 -12.36 9.39
CA SER C 20 -12.80 -11.96 9.37
C SER C 20 -13.41 -12.29 8.01
N ASP C 21 -14.73 -12.35 7.94
CA ASP C 21 -15.40 -12.71 6.68
C ASP C 21 -16.75 -12.00 6.50
N ARG C 22 -17.36 -12.22 5.33
CA ARG C 22 -18.63 -11.58 4.95
C ARG C 22 -19.74 -11.77 5.99
N THR C 23 -19.84 -12.99 6.53
CA THR C 23 -20.89 -13.34 7.47
C THR C 23 -20.65 -12.76 8.87
N GLY C 24 -19.48 -12.15 9.08
CA GLY C 24 -19.10 -11.64 10.39
C GLY C 24 -18.82 -12.71 11.45
N THR C 25 -18.59 -13.95 11.01
CA THR C 25 -18.36 -15.06 11.93
C THR C 25 -16.90 -15.25 12.32
N GLY C 26 -15.97 -14.88 11.44
CA GLY C 26 -14.58 -15.21 11.67
C GLY C 26 -14.23 -16.62 11.20
N THR C 27 -13.04 -16.80 10.66
CA THR C 27 -12.59 -18.08 10.13
C THR C 27 -11.11 -18.34 10.39
N ARG C 28 -10.72 -19.60 10.24
CA ARG C 28 -9.33 -19.99 9.99
C ARG C 28 -9.29 -20.31 8.50
N SER C 29 -8.26 -19.85 7.81
CA SER C 29 -8.31 -19.89 6.35
C SER C 29 -6.97 -20.24 5.70
N LEU C 30 -7.03 -21.04 4.63
CA LEU C 30 -5.88 -21.22 3.72
C LEU C 30 -6.34 -21.00 2.28
N PHE C 31 -5.41 -20.65 1.39
CA PHE C 31 -5.75 -20.34 0.01
C PHE C 31 -5.03 -21.26 -0.96
N GLY C 32 -5.76 -21.74 -1.96
CA GLY C 32 -5.18 -22.53 -3.03
C GLY C 32 -4.80 -23.92 -2.58
N GLN C 33 -5.79 -24.72 -2.19
CA GLN C 33 -5.52 -26.06 -1.68
C GLN C 33 -6.21 -27.06 -2.58
N GLN C 34 -5.66 -28.26 -2.66
CA GLN C 34 -6.16 -29.25 -3.60
C GLN C 34 -6.32 -30.62 -2.93
N MET C 35 -7.38 -31.34 -3.32
CA MET C 35 -7.56 -32.74 -2.93
C MET C 35 -7.80 -33.54 -4.20
N ARG C 36 -7.36 -34.80 -4.22
CA ARG C 36 -7.65 -35.66 -5.37
C ARG C 36 -8.32 -36.94 -4.89
N TYR C 37 -9.27 -37.43 -5.69
CA TYR C 37 -9.95 -38.68 -5.37
C TYR C 37 -9.94 -39.60 -6.57
N ASP C 38 -9.57 -40.85 -6.34
CA ASP C 38 -9.57 -41.85 -7.38
C ASP C 38 -10.95 -42.47 -7.39
N LEU C 39 -11.79 -42.04 -8.33
CA LEU C 39 -13.14 -42.56 -8.41
C LEU C 39 -13.24 -44.07 -8.66
N SER C 40 -12.22 -44.65 -9.29
CA SER C 40 -12.27 -46.08 -9.60
C SER C 40 -12.07 -46.93 -8.33
N ALA C 41 -11.52 -46.32 -7.29
CA ALA C 41 -11.29 -47.00 -6.03
C ALA C 41 -12.45 -46.83 -5.02
N GLY C 42 -13.30 -45.85 -5.23
CA GLY C 42 -14.42 -45.63 -4.33
C GLY C 42 -15.13 -44.31 -4.56
N PHE C 43 -16.37 -44.20 -4.08
CA PHE C 43 -17.11 -42.96 -4.23
C PHE C 43 -16.90 -42.06 -3.00
N PRO C 44 -16.39 -40.83 -3.20
CA PRO C 44 -15.96 -39.97 -2.08
C PRO C 44 -17.11 -39.28 -1.32
N LEU C 45 -18.02 -40.10 -0.79
CA LEU C 45 -19.00 -39.63 0.18
C LEU C 45 -18.39 -39.87 1.55
N LEU C 46 -18.14 -38.81 2.31
CA LEU C 46 -17.37 -38.95 3.56
C LEU C 46 -17.98 -39.96 4.51
N THR C 47 -17.11 -40.58 5.31
CA THR C 47 -17.54 -41.55 6.31
C THR C 47 -17.18 -41.15 7.74
N THR C 48 -16.48 -40.05 7.91
CA THR C 48 -16.20 -39.54 9.25
C THR C 48 -17.38 -38.73 9.82
N LYS C 49 -18.46 -38.64 9.04
CA LYS C 49 -19.74 -38.07 9.47
C LYS C 49 -20.73 -38.39 8.37
N LYS C 50 -22.00 -38.54 8.71
CA LYS C 50 -22.96 -38.87 7.66
C LYS C 50 -23.20 -37.66 6.76
N VAL C 51 -23.22 -37.89 5.45
CA VAL C 51 -23.55 -36.84 4.48
C VAL C 51 -24.86 -37.23 3.79
N HIS C 52 -25.82 -36.30 3.77
CA HIS C 52 -27.15 -36.61 3.24
C HIS C 52 -27.15 -36.67 1.71
N PHE C 53 -27.00 -37.88 1.19
CA PHE C 53 -26.79 -38.07 -0.23
C PHE C 53 -28.02 -37.73 -1.06
N LYS C 54 -29.20 -37.98 -0.51
CA LYS C 54 -30.42 -37.65 -1.21
C LYS C 54 -30.45 -36.15 -1.59
N SER C 55 -30.05 -35.29 -0.65
CA SER C 55 -30.00 -33.86 -0.92
C SER C 55 -28.96 -33.60 -1.99
N VAL C 56 -27.81 -34.26 -1.87
CA VAL C 56 -26.75 -34.09 -2.85
C VAL C 56 -27.24 -34.44 -4.24
N ALA C 57 -27.86 -35.61 -4.37
CA ALA C 57 -28.34 -36.06 -5.67
C ALA C 57 -29.45 -35.15 -6.23
N TYR C 58 -30.39 -34.73 -5.38
CA TYR C 58 -31.49 -33.90 -5.91
C TYR C 58 -31.03 -32.53 -6.34
N GLU C 59 -30.14 -31.92 -5.56
CA GLU C 59 -29.58 -30.65 -5.94
C GLU C 59 -28.89 -30.76 -7.31
N LEU C 60 -28.15 -31.84 -7.52
CA LEU C 60 -27.49 -32.04 -8.81
C LEU C 60 -28.51 -32.22 -9.94
N LEU C 61 -29.52 -33.04 -9.71
CA LEU C 61 -30.56 -33.26 -10.72
C LEU C 61 -31.23 -31.95 -11.09
N TRP C 62 -31.37 -31.10 -10.08
CA TRP C 62 -32.03 -29.82 -10.20
C TRP C 62 -31.15 -28.87 -11.00
N PHE C 63 -29.86 -28.81 -10.67
CA PHE C 63 -28.92 -28.05 -11.50
C PHE C 63 -29.08 -28.49 -12.95
N LEU C 64 -29.13 -29.80 -13.18
CA LEU C 64 -29.12 -30.35 -14.55
C LEU C 64 -30.39 -30.01 -15.31
N ARG C 65 -31.46 -29.69 -14.60
CA ARG C 65 -32.68 -29.22 -15.23
C ARG C 65 -32.60 -27.74 -15.66
N GLY C 66 -31.58 -27.04 -15.18
CA GLY C 66 -31.44 -25.61 -15.44
C GLY C 66 -32.45 -24.79 -14.65
N ASP C 67 -32.88 -25.34 -13.53
CA ASP C 67 -33.96 -24.78 -12.72
C ASP C 67 -33.38 -23.83 -11.66
N SER C 68 -33.99 -22.67 -11.48
CA SER C 68 -33.53 -21.71 -10.46
C SER C 68 -34.57 -21.43 -9.38
N ASN C 69 -35.66 -22.20 -9.40
CA ASN C 69 -36.71 -22.08 -8.41
C ASN C 69 -36.74 -23.31 -7.52
N ILE C 70 -36.86 -23.09 -6.20
CA ILE C 70 -36.73 -24.19 -5.24
C ILE C 70 -37.94 -25.12 -5.24
N GLY C 71 -38.97 -24.78 -6.01
CA GLY C 71 -40.18 -25.57 -6.05
C GLY C 71 -39.91 -27.05 -6.18
N TRP C 72 -39.17 -27.41 -7.22
CA TRP C 72 -38.91 -28.82 -7.53
C TRP C 72 -38.11 -29.50 -6.42
N LEU C 73 -37.17 -28.77 -5.82
CA LEU C 73 -36.44 -29.29 -4.68
C LEU C 73 -37.41 -29.64 -3.54
N HIS C 74 -38.36 -28.75 -3.25
CA HIS C 74 -39.34 -29.02 -2.20
C HIS C 74 -40.23 -30.23 -2.45
N GLU C 75 -40.57 -30.49 -3.70
CA GLU C 75 -41.36 -31.69 -4.00
C GLU C 75 -40.62 -32.92 -3.50
N HIS C 76 -39.30 -32.82 -3.37
CA HIS C 76 -38.50 -33.98 -2.97
C HIS C 76 -37.87 -33.86 -1.59
N GLY C 77 -38.35 -32.87 -0.82
CA GLY C 77 -37.97 -32.73 0.57
C GLY C 77 -36.63 -32.06 0.81
N VAL C 78 -36.10 -31.42 -0.21
CA VAL C 78 -34.79 -30.80 -0.10
C VAL C 78 -34.87 -29.30 0.16
N THR C 79 -34.32 -28.87 1.30
CA THR C 79 -34.57 -27.52 1.81
C THR C 79 -33.32 -26.64 1.91
N ILE C 80 -32.20 -27.11 1.38
CA ILE C 80 -30.92 -26.44 1.55
C ILE C 80 -30.83 -25.06 0.89
N TRP C 81 -31.68 -24.80 -0.09
CA TRP C 81 -31.65 -23.51 -0.78
C TRP C 81 -32.67 -22.51 -0.24
N ASP C 82 -33.50 -22.96 0.71
CA ASP C 82 -34.61 -22.14 1.22
C ASP C 82 -34.20 -20.76 1.71
N GLU C 83 -33.10 -20.68 2.44
CA GLU C 83 -32.67 -19.43 3.06
C GLU C 83 -32.45 -18.28 2.07
N TRP C 84 -32.00 -18.59 0.86
CA TRP C 84 -31.60 -17.56 -0.09
C TRP C 84 -32.65 -17.23 -1.13
N ALA C 85 -33.69 -18.06 -1.23
CA ALA C 85 -34.73 -17.87 -2.23
C ALA C 85 -35.59 -16.65 -1.92
N SER C 86 -36.14 -16.02 -2.95
CA SER C 86 -37.14 -14.97 -2.78
C SER C 86 -38.48 -15.55 -2.29
N ASP C 87 -39.48 -14.70 -2.10
CA ASP C 87 -40.75 -15.18 -1.58
C ASP C 87 -41.63 -15.88 -2.63
N THR C 88 -41.10 -16.10 -3.83
CA THR C 88 -41.75 -16.95 -4.82
C THR C 88 -40.88 -18.16 -5.14
N GLY C 89 -39.74 -18.27 -4.45
CA GLY C 89 -38.86 -19.41 -4.58
C GLY C 89 -37.70 -19.22 -5.52
N GLU C 90 -37.50 -17.99 -6.00
CA GLU C 90 -36.53 -17.74 -7.05
C GLU C 90 -35.13 -17.42 -6.51
N LEU C 91 -34.11 -17.83 -7.26
CA LEU C 91 -32.73 -17.65 -6.81
C LEU C 91 -31.86 -16.86 -7.78
N GLY C 92 -32.44 -16.49 -8.92
CA GLY C 92 -31.67 -15.79 -9.92
C GLY C 92 -30.95 -16.86 -10.73
N PRO C 93 -30.19 -16.43 -11.76
CA PRO C 93 -29.57 -17.35 -12.71
C PRO C 93 -28.33 -18.04 -12.14
N ILE C 94 -28.54 -18.87 -11.12
CA ILE C 94 -27.44 -19.56 -10.46
C ILE C 94 -27.02 -20.86 -11.17
N TYR C 95 -26.01 -21.52 -10.62
CA TYR C 95 -25.46 -22.77 -11.13
C TYR C 95 -26.10 -23.37 -12.38
N GLY C 96 -27.21 -24.08 -12.20
CA GLY C 96 -27.83 -24.84 -13.28
C GLY C 96 -28.24 -23.99 -14.48
N VAL C 97 -28.65 -22.76 -14.22
CA VAL C 97 -29.06 -21.86 -15.28
C VAL C 97 -27.88 -21.53 -16.19
N GLN C 98 -26.70 -21.33 -15.61
CA GLN C 98 -25.50 -21.06 -16.40
C GLN C 98 -25.01 -22.33 -17.10
N TRP C 99 -25.12 -23.48 -16.44
CA TRP C 99 -24.68 -24.75 -17.04
C TRP C 99 -25.46 -25.05 -18.32
N ARG C 100 -26.78 -24.90 -18.24
CA ARG C 100 -27.70 -25.28 -19.30
C ARG C 100 -28.12 -24.14 -20.23
N SER C 101 -28.02 -22.89 -19.75
CA SER C 101 -28.68 -21.76 -20.41
C SER C 101 -27.94 -20.43 -20.23
N TRP C 102 -26.61 -20.47 -20.29
CA TRP C 102 -25.80 -19.26 -20.21
C TRP C 102 -26.12 -18.34 -21.40
N PRO C 103 -26.65 -17.14 -21.14
CA PRO C 103 -26.99 -16.23 -22.24
C PRO C 103 -25.76 -15.56 -22.85
N ALA C 104 -25.56 -15.81 -24.14
CA ALA C 104 -24.55 -15.12 -24.92
C ALA C 104 -24.96 -13.66 -25.17
N PRO C 105 -24.01 -12.81 -25.59
CA PRO C 105 -24.31 -11.41 -25.91
C PRO C 105 -25.49 -11.26 -26.90
N SER C 106 -25.73 -12.28 -27.72
CA SER C 106 -26.78 -12.17 -28.74
C SER C 106 -28.14 -12.50 -28.14
N GLY C 107 -28.14 -12.97 -26.90
CA GLY C 107 -29.35 -13.47 -26.27
C GLY C 107 -29.35 -14.99 -26.17
N GLU C 108 -28.64 -15.64 -27.09
CA GLU C 108 -28.72 -17.10 -27.21
C GLU C 108 -28.31 -17.85 -25.93
N HIS C 109 -29.15 -18.79 -25.50
CA HIS C 109 -28.79 -19.65 -24.35
C HIS C 109 -27.86 -20.78 -24.75
N ILE C 110 -26.77 -20.95 -24.01
CA ILE C 110 -25.78 -21.97 -24.31
C ILE C 110 -25.82 -23.16 -23.35
N ASP C 111 -26.12 -24.33 -23.88
CA ASP C 111 -26.16 -25.53 -23.08
C ASP C 111 -24.75 -26.12 -22.95
N GLN C 112 -24.03 -25.75 -21.90
CA GLN C 112 -22.63 -26.19 -21.73
C GLN C 112 -22.48 -27.68 -21.40
N ILE C 113 -23.48 -28.24 -20.72
CA ILE C 113 -23.46 -29.64 -20.38
C ILE C 113 -23.49 -30.50 -21.65
N SER C 114 -24.39 -30.17 -22.55
CA SER C 114 -24.50 -30.89 -23.81
C SER C 114 -23.27 -30.65 -24.66
N ALA C 115 -22.74 -29.43 -24.61
CA ALA C 115 -21.56 -29.14 -25.41
C ALA C 115 -20.36 -29.92 -24.89
N ALA C 116 -20.26 -30.07 -23.56
CA ALA C 116 -19.17 -30.84 -22.97
C ALA C 116 -19.28 -32.32 -23.33
N LEU C 117 -20.46 -32.89 -23.12
CA LEU C 117 -20.72 -34.26 -23.50
C LEU C 117 -20.36 -34.55 -24.98
N ASP C 118 -20.76 -33.65 -25.89
CA ASP C 118 -20.42 -33.80 -27.30
CA ASP C 118 -20.41 -33.80 -27.31
C ASP C 118 -18.91 -33.91 -27.54
N LEU C 119 -18.13 -33.11 -26.80
CA LEU C 119 -16.67 -33.14 -26.95
C LEU C 119 -16.11 -34.42 -26.37
N LEU C 120 -16.73 -34.90 -25.31
CA LEU C 120 -16.27 -36.13 -24.69
C LEU C 120 -16.43 -37.29 -25.68
N ARG C 121 -17.48 -37.24 -26.48
CA ARG C 121 -17.77 -38.30 -27.42
C ARG C 121 -16.98 -38.19 -28.71
N THR C 122 -16.78 -36.97 -29.19
CA THR C 122 -16.22 -36.79 -30.52
C THR C 122 -14.76 -36.37 -30.47
N ASP C 123 -14.36 -35.79 -29.34
CA ASP C 123 -13.02 -35.22 -29.24
C ASP C 123 -12.45 -35.38 -27.83
N PRO C 124 -12.35 -36.62 -27.34
CA PRO C 124 -11.98 -36.83 -25.91
C PRO C 124 -10.61 -36.25 -25.52
N ASP C 125 -9.71 -36.07 -26.48
CA ASP C 125 -8.38 -35.51 -26.21
C ASP C 125 -8.46 -34.00 -25.94
N SER C 126 -9.59 -33.38 -26.27
CA SER C 126 -9.71 -31.92 -26.17
C SER C 126 -9.29 -31.35 -24.81
N ARG C 127 -8.55 -30.25 -24.84
CA ARG C 127 -8.11 -29.59 -23.62
C ARG C 127 -9.00 -28.38 -23.32
N ARG C 128 -10.16 -28.38 -23.95
CA ARG C 128 -11.06 -27.24 -23.91
C ARG C 128 -12.42 -27.60 -23.32
N ILE C 129 -12.48 -28.70 -22.57
CA ILE C 129 -13.79 -29.23 -22.12
C ILE C 129 -14.20 -28.62 -20.77
N ILE C 130 -14.76 -27.43 -20.84
CA ILE C 130 -14.99 -26.58 -19.67
C ILE C 130 -16.47 -26.26 -19.49
N VAL C 131 -16.94 -26.27 -18.24
CA VAL C 131 -18.24 -25.69 -17.90
C VAL C 131 -18.03 -24.58 -16.88
N SER C 132 -18.61 -23.41 -17.13
CA SER C 132 -18.45 -22.31 -16.19
C SER C 132 -19.78 -21.76 -15.68
N ALA C 133 -19.84 -21.53 -14.38
CA ALA C 133 -20.98 -20.86 -13.77
C ALA C 133 -20.64 -19.39 -13.52
N TRP C 134 -19.36 -19.03 -13.64
CA TRP C 134 -18.95 -17.66 -13.34
C TRP C 134 -19.31 -16.70 -14.48
N ASN C 135 -20.60 -16.41 -14.61
CA ASN C 135 -21.07 -15.47 -15.61
C ASN C 135 -20.94 -14.06 -15.02
N VAL C 136 -19.87 -13.37 -15.37
CA VAL C 136 -19.57 -12.06 -14.79
C VAL C 136 -20.75 -11.09 -14.91
N GLY C 137 -21.46 -11.18 -16.03
CA GLY C 137 -22.56 -10.28 -16.35
C GLY C 137 -23.82 -10.53 -15.52
N GLU C 138 -23.91 -11.70 -14.92
CA GLU C 138 -25.12 -12.09 -14.22
C GLU C 138 -24.93 -12.33 -12.73
N ILE C 139 -23.68 -12.30 -12.27
CA ILE C 139 -23.39 -12.54 -10.85
C ILE C 139 -24.32 -11.75 -9.94
N GLU C 140 -24.46 -10.47 -10.24
CA GLU C 140 -25.23 -9.55 -9.41
C GLU C 140 -26.69 -9.99 -9.30
N ARG C 141 -27.16 -10.68 -10.32
CA ARG C 141 -28.53 -11.16 -10.35
C ARG C 141 -28.77 -12.43 -9.52
N MET C 142 -27.70 -13.15 -9.19
CA MET C 142 -27.83 -14.38 -8.41
C MET C 142 -27.96 -14.05 -6.94
N ALA C 143 -28.60 -14.95 -6.19
CA ALA C 143 -28.79 -14.73 -4.77
C ALA C 143 -27.43 -14.69 -4.09
N LEU C 144 -26.51 -15.53 -4.58
CA LEU C 144 -25.13 -15.63 -4.13
C LEU C 144 -24.29 -15.90 -5.36
N PRO C 145 -23.04 -15.42 -5.36
CA PRO C 145 -22.17 -15.76 -6.49
C PRO C 145 -21.74 -17.23 -6.37
N PRO C 146 -21.54 -17.90 -7.49
CA PRO C 146 -21.20 -19.33 -7.50
C PRO C 146 -19.96 -19.60 -6.62
N CYS C 147 -20.05 -20.58 -5.73
CA CYS C 147 -18.90 -21.08 -4.99
C CYS C 147 -18.12 -22.10 -5.80
N HIS C 148 -18.80 -23.18 -6.19
CA HIS C 148 -18.23 -24.10 -7.17
C HIS C 148 -18.42 -23.51 -8.55
N ALA C 149 -17.39 -22.81 -9.01
CA ALA C 149 -17.55 -21.79 -10.06
C ALA C 149 -17.30 -22.27 -11.47
N PHE C 150 -16.46 -23.28 -11.60
CA PHE C 150 -15.79 -23.55 -12.86
C PHE C 150 -15.23 -24.99 -12.82
N PHE C 151 -15.55 -25.80 -13.83
CA PHE C 151 -14.97 -27.14 -13.89
C PHE C 151 -14.55 -27.61 -15.27
N GLN C 152 -13.59 -28.54 -15.30
CA GLN C 152 -13.02 -29.06 -16.54
C GLN C 152 -13.00 -30.58 -16.56
N PHE C 153 -13.23 -31.14 -17.74
CA PHE C 153 -13.09 -32.59 -17.92
C PHE C 153 -11.85 -32.91 -18.74
N TYR C 154 -11.41 -34.15 -18.59
CA TYR C 154 -10.14 -34.60 -19.17
C TYR C 154 -10.29 -36.09 -19.42
N VAL C 155 -9.79 -36.56 -20.56
CA VAL C 155 -9.87 -37.98 -20.84
C VAL C 155 -8.51 -38.53 -21.18
N ALA C 156 -8.11 -39.60 -20.48
CA ALA C 156 -6.87 -40.30 -20.83
C ALA C 156 -7.05 -41.79 -20.61
N ASP C 157 -6.61 -42.58 -21.58
CA ASP C 157 -6.69 -44.03 -21.50
C ASP C 157 -8.12 -44.49 -21.29
N GLY C 158 -9.07 -43.84 -21.97
CA GLY C 158 -10.49 -44.16 -21.88
C GLY C 158 -11.14 -43.82 -20.54
N ARG C 159 -10.46 -42.99 -19.74
CA ARG C 159 -10.91 -42.67 -18.39
C ARG C 159 -11.22 -41.18 -18.22
N LEU C 160 -12.38 -40.86 -17.66
CA LEU C 160 -12.79 -39.48 -17.48
C LEU C 160 -12.35 -38.91 -16.13
N SER C 161 -11.56 -37.85 -16.17
CA SER C 161 -11.27 -37.11 -14.95
C SER C 161 -11.99 -35.75 -14.96
N CYS C 162 -12.15 -35.16 -13.79
CA CYS C 162 -12.86 -33.90 -13.63
C CYS C 162 -12.17 -33.03 -12.59
N GLN C 163 -11.89 -31.78 -12.93
CA GLN C 163 -11.35 -30.84 -11.94
C GLN C 163 -12.33 -29.71 -11.66
N LEU C 164 -12.63 -29.50 -10.37
CA LEU C 164 -13.46 -28.39 -9.92
C LEU C 164 -12.63 -27.25 -9.37
N TYR C 165 -12.92 -26.01 -9.77
CA TYR C 165 -12.37 -24.85 -9.08
C TYR C 165 -13.46 -24.25 -8.21
N GLN C 166 -13.28 -24.32 -6.89
CA GLN C 166 -14.27 -23.79 -5.97
C GLN C 166 -13.70 -22.57 -5.29
N ARG C 167 -14.23 -21.39 -5.63
CA ARG C 167 -13.63 -20.12 -5.19
C ARG C 167 -13.67 -19.97 -3.67
N SER C 168 -14.62 -20.65 -3.04
CA SER C 168 -14.86 -20.43 -1.63
C SER C 168 -15.44 -21.67 -1.02
N ALA C 169 -14.85 -22.10 0.09
CA ALA C 169 -15.12 -23.43 0.59
C ALA C 169 -15.30 -23.44 2.10
N ASP C 170 -16.55 -23.58 2.53
CA ASP C 170 -16.85 -23.80 3.94
C ASP C 170 -16.50 -25.26 4.19
N LEU C 171 -15.31 -25.50 4.74
CA LEU C 171 -14.76 -26.84 4.86
C LEU C 171 -15.65 -27.82 5.61
N PHE C 172 -16.25 -27.39 6.72
CA PHE C 172 -17.08 -28.32 7.48
C PHE C 172 -18.41 -28.64 6.82
N LEU C 173 -19.18 -27.61 6.46
CA LEU C 173 -20.55 -27.78 5.97
C LEU C 173 -20.69 -27.96 4.45
N GLY C 174 -19.94 -27.17 3.69
CA GLY C 174 -20.13 -27.17 2.24
C GLY C 174 -19.34 -28.24 1.49
N VAL C 175 -18.05 -28.30 1.74
CA VAL C 175 -17.16 -29.11 0.92
C VAL C 175 -17.56 -30.59 0.78
N PRO C 176 -18.02 -31.23 1.86
CA PRO C 176 -18.43 -32.63 1.74
C PRO C 176 -19.56 -32.81 0.72
N PHE C 177 -20.46 -31.84 0.67
CA PHE C 177 -21.51 -31.82 -0.35
C PHE C 177 -20.95 -31.64 -1.74
N ASN C 178 -20.18 -30.57 -1.90
CA ASN C 178 -19.53 -30.25 -3.16
C ASN C 178 -18.78 -31.44 -3.75
N ILE C 179 -17.98 -32.10 -2.90
CA ILE C 179 -17.19 -33.24 -3.33
C ILE C 179 -18.10 -34.32 -3.89
N ALA C 180 -19.11 -34.70 -3.13
CA ALA C 180 -19.99 -35.78 -3.56
C ALA C 180 -20.74 -35.39 -4.83
N SER C 181 -21.13 -34.12 -4.91
CA SER C 181 -21.94 -33.65 -6.02
C SER C 181 -21.21 -33.80 -7.35
N TYR C 182 -19.96 -33.35 -7.39
CA TYR C 182 -19.18 -33.43 -8.62
C TYR C 182 -18.70 -34.82 -8.98
N ALA C 183 -18.43 -35.64 -7.96
CA ALA C 183 -18.03 -37.02 -8.22
C ALA C 183 -19.19 -37.72 -8.93
N LEU C 184 -20.41 -37.47 -8.44
CA LEU C 184 -21.61 -38.01 -9.07
C LEU C 184 -21.77 -37.53 -10.52
N LEU C 185 -21.51 -36.26 -10.74
CA LEU C 185 -21.66 -35.70 -12.07
C LEU C 185 -20.65 -36.39 -13.00
N THR C 186 -19.43 -36.56 -12.51
CA THR C 186 -18.39 -37.24 -13.28
C THR C 186 -18.84 -38.65 -13.71
N HIS C 187 -19.40 -39.43 -12.78
CA HIS C 187 -19.98 -40.74 -13.10
C HIS C 187 -21.04 -40.61 -14.19
N MET C 188 -21.89 -39.60 -14.07
CA MET C 188 -22.95 -39.38 -15.05
C MET C 188 -22.38 -39.06 -16.43
N MET C 189 -21.42 -38.14 -16.48
CA MET C 189 -20.81 -37.76 -17.74
C MET C 189 -20.08 -38.95 -18.36
N ALA C 190 -19.36 -39.70 -17.52
CA ALA C 190 -18.59 -40.82 -18.03
C ALA C 190 -19.53 -41.85 -18.62
N ALA C 191 -20.63 -42.12 -17.92
CA ALA C 191 -21.60 -43.10 -18.37
C ALA C 191 -22.13 -42.72 -19.75
N GLN C 192 -22.44 -41.45 -19.92
CA GLN C 192 -23.05 -40.97 -21.15
C GLN C 192 -22.05 -40.88 -22.31
N ALA C 193 -20.75 -40.84 -21.98
CA ALA C 193 -19.72 -40.74 -23.00
C ALA C 193 -19.09 -42.09 -23.29
N GLY C 194 -19.57 -43.14 -22.62
CA GLY C 194 -19.00 -44.47 -22.79
C GLY C 194 -17.59 -44.59 -22.24
N LEU C 195 -17.35 -43.93 -21.11
CA LEU C 195 -16.04 -43.93 -20.49
C LEU C 195 -16.13 -44.50 -19.10
N SER C 196 -15.00 -44.93 -18.55
CA SER C 196 -14.95 -45.22 -17.12
C SER C 196 -14.42 -44.01 -16.36
N VAL C 197 -14.55 -44.03 -15.04
CA VAL C 197 -14.16 -42.88 -14.23
C VAL C 197 -12.68 -42.93 -13.83
N GLY C 198 -12.04 -41.75 -13.82
CA GLY C 198 -10.68 -41.62 -13.37
C GLY C 198 -10.63 -40.87 -12.05
N GLU C 199 -10.12 -39.64 -12.07
CA GLU C 199 -9.97 -38.86 -10.85
C GLU C 199 -10.94 -37.69 -10.75
N PHE C 200 -11.34 -37.40 -9.52
CA PHE C 200 -11.91 -36.09 -9.23
C PHE C 200 -10.90 -35.26 -8.46
N ILE C 201 -10.59 -34.09 -8.99
CA ILE C 201 -9.65 -33.16 -8.37
C ILE C 201 -10.39 -31.90 -7.87
N TRP C 202 -10.30 -31.63 -6.58
CA TRP C 202 -10.97 -30.48 -5.98
C TRP C 202 -9.89 -29.46 -5.70
N THR C 203 -10.05 -28.27 -6.27
CA THR C 203 -9.09 -27.19 -6.07
C THR C 203 -9.83 -26.00 -5.46
N GLY C 204 -9.39 -25.59 -4.28
CA GLY C 204 -10.07 -24.56 -3.53
C GLY C 204 -9.38 -23.21 -3.58
N GLY C 205 -10.19 -22.17 -3.50
CA GLY C 205 -9.69 -20.82 -3.39
C GLY C 205 -9.54 -20.54 -1.93
N ASP C 206 -10.48 -19.80 -1.37
CA ASP C 206 -10.50 -19.55 0.07
C ASP C 206 -11.11 -20.76 0.77
N CYS C 207 -10.26 -21.56 1.42
CA CYS C 207 -10.69 -22.75 2.13
C CYS C 207 -10.72 -22.44 3.64
N HIS C 208 -11.91 -22.35 4.20
CA HIS C 208 -12.04 -21.87 5.58
C HIS C 208 -12.84 -22.78 6.51
N ILE C 209 -12.52 -22.68 7.79
CA ILE C 209 -13.30 -23.29 8.85
C ILE C 209 -13.88 -22.18 9.70
N TYR C 210 -15.20 -22.05 9.67
CA TYR C 210 -15.85 -21.05 10.52
C TYR C 210 -15.56 -21.31 12.00
N ASP C 211 -15.37 -20.24 12.76
CA ASP C 211 -15.00 -20.35 14.17
C ASP C 211 -16.05 -21.10 14.99
N ASN C 212 -17.30 -21.04 14.55
CA ASN C 212 -18.39 -21.75 15.23
C ASN C 212 -18.55 -23.21 14.80
N HIS C 213 -17.57 -23.74 14.07
CA HIS C 213 -17.58 -25.16 13.68
C HIS C 213 -16.39 -25.90 14.26
N VAL C 214 -15.62 -25.22 15.10
CA VAL C 214 -14.35 -25.77 15.55
C VAL C 214 -14.50 -27.06 16.33
N GLU C 215 -15.45 -27.11 17.25
CA GLU C 215 -15.61 -28.30 18.08
C GLU C 215 -16.18 -29.46 17.26
N GLN C 216 -17.04 -29.14 16.31
CA GLN C 216 -17.56 -30.14 15.41
C GLN C 216 -16.42 -30.77 14.60
N VAL C 217 -15.52 -29.92 14.12
CA VAL C 217 -14.35 -30.36 13.37
C VAL C 217 -13.47 -31.29 14.24
N ARG C 218 -13.20 -30.89 15.47
CA ARG C 218 -12.37 -31.72 16.35
C ARG C 218 -13.00 -33.08 16.59
N LEU C 219 -14.32 -33.11 16.72
CA LEU C 219 -15.04 -34.36 16.88
C LEU C 219 -14.80 -35.25 15.66
N GLN C 220 -15.08 -34.70 14.47
CA GLN C 220 -14.92 -35.45 13.22
C GLN C 220 -13.48 -35.96 13.04
N LEU C 221 -12.51 -35.12 13.34
CA LEU C 221 -11.10 -35.52 13.23
C LEU C 221 -10.70 -36.59 14.23
N SER C 222 -11.48 -36.77 15.30
CA SER C 222 -11.13 -37.78 16.29
C SER C 222 -11.60 -39.19 15.89
N ARG C 223 -12.34 -39.28 14.79
CA ARG C 223 -12.96 -40.54 14.37
C ARG C 223 -12.11 -41.31 13.38
N GLU C 224 -12.18 -42.63 13.46
CA GLU C 224 -11.43 -43.50 12.55
C GLU C 224 -12.05 -43.48 11.17
N PRO C 225 -11.23 -43.16 10.16
CA PRO C 225 -11.74 -43.11 8.79
C PRO C 225 -12.14 -44.50 8.33
N ARG C 226 -13.21 -44.58 7.55
CA ARG C 226 -13.71 -45.84 7.06
C ARG C 226 -13.65 -45.82 5.54
N PRO C 227 -13.61 -47.01 4.92
CA PRO C 227 -13.53 -47.11 3.46
C PRO C 227 -14.70 -46.38 2.81
N TYR C 228 -14.50 -45.94 1.58
CA TYR C 228 -15.54 -45.24 0.84
C TYR C 228 -16.54 -46.23 0.27
N PRO C 229 -17.79 -45.77 0.06
CA PRO C 229 -18.79 -46.62 -0.59
C PRO C 229 -18.53 -46.73 -2.09
N LYS C 230 -19.39 -47.46 -2.77
CA LYS C 230 -19.35 -47.57 -4.21
C LYS C 230 -20.64 -47.01 -4.75
N LEU C 231 -20.58 -46.42 -5.95
CA LEU C 231 -21.77 -45.89 -6.60
C LEU C 231 -22.17 -46.75 -7.79
N LEU C 232 -23.47 -47.00 -7.90
CA LEU C 232 -24.07 -47.75 -8.98
C LEU C 232 -25.06 -46.88 -9.72
N LEU C 233 -24.80 -46.66 -11.02
CA LEU C 233 -25.65 -45.81 -11.83
C LEU C 233 -26.40 -46.66 -12.86
N ALA C 234 -27.72 -46.60 -12.83
CA ALA C 234 -28.54 -47.34 -13.79
C ALA C 234 -28.40 -46.73 -15.19
N ASP C 235 -28.70 -47.52 -16.21
CA ASP C 235 -28.64 -47.07 -17.60
C ASP C 235 -29.73 -46.04 -17.92
N ARG C 236 -29.33 -44.97 -18.60
CA ARG C 236 -30.26 -44.03 -19.22
C ARG C 236 -29.71 -43.59 -20.56
N ASP C 237 -30.57 -43.12 -21.45
CA ASP C 237 -30.16 -42.69 -22.78
C ASP C 237 -29.60 -41.27 -22.77
N SER C 238 -29.93 -40.51 -21.74
CA SER C 238 -29.57 -39.09 -21.68
C SER C 238 -29.22 -38.68 -20.26
N ILE C 239 -28.23 -37.79 -20.13
CA ILE C 239 -27.88 -37.32 -18.81
C ILE C 239 -29.08 -36.61 -18.17
N PHE C 240 -29.97 -36.08 -19.00
CA PHE C 240 -31.11 -35.32 -18.46
C PHE C 240 -32.28 -36.21 -18.07
N GLU C 241 -32.08 -37.52 -18.15
CA GLU C 241 -33.14 -38.46 -17.79
C GLU C 241 -32.86 -39.25 -16.51
N TYR C 242 -31.68 -39.07 -15.93
CA TYR C 242 -31.39 -39.68 -14.63
C TYR C 242 -32.44 -39.26 -13.61
N THR C 243 -32.84 -40.18 -12.75
CA THR C 243 -33.73 -39.88 -11.63
C THR C 243 -33.02 -40.38 -10.38
N TYR C 244 -33.60 -40.13 -9.22
CA TYR C 244 -32.96 -40.54 -7.97
C TYR C 244 -32.87 -42.06 -7.87
N GLU C 245 -33.87 -42.75 -8.40
CA GLU C 245 -33.88 -44.20 -8.30
C GLU C 245 -32.72 -44.87 -9.06
N ASP C 246 -32.14 -44.16 -10.02
CA ASP C 246 -30.99 -44.68 -10.78
C ASP C 246 -29.66 -44.53 -10.04
N ILE C 247 -29.68 -43.75 -8.98
CA ILE C 247 -28.46 -43.40 -8.27
C ILE C 247 -28.43 -44.18 -6.97
N VAL C 248 -27.67 -45.27 -6.97
CA VAL C 248 -27.66 -46.18 -5.85
C VAL C 248 -26.27 -46.32 -5.23
N VAL C 249 -26.22 -46.14 -3.92
CA VAL C 249 -24.98 -46.22 -3.17
C VAL C 249 -24.94 -47.51 -2.34
N LYS C 250 -23.79 -48.17 -2.32
CA LYS C 250 -23.62 -49.41 -1.57
C LYS C 250 -22.42 -49.31 -0.65
N ASN C 251 -22.50 -49.97 0.50
CA ASN C 251 -21.38 -50.04 1.46
C ASN C 251 -21.05 -48.70 2.11
N TYR C 252 -22.09 -47.91 2.37
CA TYR C 252 -21.90 -46.62 3.01
C TYR C 252 -22.24 -46.72 4.50
N ASP C 253 -21.22 -46.76 5.33
CA ASP C 253 -21.40 -46.85 6.77
C ASP C 253 -20.62 -45.76 7.49
N PRO C 254 -21.12 -44.52 7.39
CA PRO C 254 -20.42 -43.39 8.01
C PRO C 254 -20.63 -43.34 9.51
N HIS C 255 -19.72 -42.65 10.20
CA HIS C 255 -19.94 -42.28 11.60
C HIS C 255 -21.15 -41.32 11.67
N PRO C 256 -21.69 -41.10 12.88
CA PRO C 256 -22.92 -40.31 13.01
C PRO C 256 -22.84 -38.93 12.37
N ALA C 257 -23.99 -38.44 11.94
CA ALA C 257 -24.11 -37.05 11.48
C ALA C 257 -23.66 -36.12 12.60
N ILE C 258 -23.07 -35.00 12.21
CA ILE C 258 -22.74 -33.94 13.16
C ILE C 258 -23.52 -32.69 12.75
N LYS C 259 -24.48 -32.30 13.57
CA LYS C 259 -25.36 -31.17 13.24
C LYS C 259 -24.62 -29.84 13.20
N ALA C 260 -24.92 -29.05 12.18
CA ALA C 260 -24.46 -27.66 12.10
C ALA C 260 -24.96 -26.88 13.30
N PRO C 261 -24.08 -26.07 13.91
CA PRO C 261 -24.49 -25.21 15.02
C PRO C 261 -25.36 -24.05 14.53
N MET D 2 14.23 -23.94 -3.81
CA MET D 2 12.85 -24.30 -4.14
C MET D 2 12.60 -24.23 -5.66
N THR D 3 12.07 -25.32 -6.21
CA THR D 3 11.85 -25.38 -7.66
C THR D 3 10.50 -26.01 -7.99
N PRO D 4 9.42 -25.29 -7.67
CA PRO D 4 8.06 -25.79 -7.89
C PRO D 4 7.83 -26.19 -9.35
N TYR D 5 8.34 -25.37 -10.27
CA TYR D 5 8.20 -25.64 -11.70
C TYR D 5 8.98 -26.87 -12.14
N GLU D 6 10.29 -26.87 -11.89
CA GLU D 6 11.13 -28.01 -12.26
C GLU D 6 10.59 -29.31 -11.68
N ASP D 7 10.01 -29.24 -10.48
CA ASP D 7 9.40 -30.40 -9.85
C ASP D 7 8.21 -30.93 -10.65
N LEU D 8 7.32 -30.03 -11.06
CA LEU D 8 6.15 -30.45 -11.82
C LEU D 8 6.59 -31.00 -13.18
N LEU D 9 7.49 -30.28 -13.82
CA LEU D 9 7.99 -30.66 -15.11
C LEU D 9 8.58 -32.08 -15.04
N ARG D 10 9.33 -32.36 -13.97
CA ARG D 10 9.91 -33.68 -13.78
C ARG D 10 8.84 -34.75 -13.46
N PHE D 11 7.87 -34.39 -12.64
CA PHE D 11 6.81 -35.31 -12.27
C PHE D 11 5.97 -35.70 -13.50
N VAL D 12 5.76 -34.76 -14.42
CA VAL D 12 5.04 -35.07 -15.65
C VAL D 12 5.91 -35.87 -16.62
N LEU D 13 7.19 -35.51 -16.74
CA LEU D 13 8.10 -36.23 -17.61
C LEU D 13 8.17 -37.72 -17.23
N GLU D 14 8.14 -37.99 -15.94
CA GLU D 14 8.27 -39.35 -15.43
C GLU D 14 6.98 -40.15 -15.36
N THR D 15 5.86 -39.50 -15.07
CA THR D 15 4.62 -40.22 -14.82
C THR D 15 3.48 -39.85 -15.77
N GLY D 16 3.70 -38.85 -16.61
CA GLY D 16 2.67 -38.43 -17.55
C GLY D 16 2.26 -39.55 -18.49
N THR D 17 0.98 -39.66 -18.76
CA THR D 17 0.49 -40.69 -19.68
C THR D 17 0.56 -40.15 -21.10
N PRO D 18 0.90 -41.01 -22.07
CA PRO D 18 0.91 -40.59 -23.47
C PRO D 18 -0.46 -40.10 -23.90
N LYS D 19 -0.51 -39.02 -24.67
CA LYS D 19 -1.79 -38.42 -25.06
C LYS D 19 -1.65 -37.70 -26.38
N SER D 20 -2.44 -38.08 -27.37
CA SER D 20 -2.44 -37.38 -28.64
C SER D 20 -3.17 -36.05 -28.46
N ASP D 21 -2.93 -35.11 -29.36
CA ASP D 21 -3.49 -33.78 -29.19
C ASP D 21 -3.82 -33.10 -30.52
N ARG D 22 -4.45 -31.93 -30.40
CA ARG D 22 -4.92 -31.12 -31.53
C ARG D 22 -3.82 -30.77 -32.54
N THR D 23 -2.59 -30.66 -32.06
CA THR D 23 -1.47 -30.28 -32.92
C THR D 23 -0.87 -31.48 -33.66
N GLY D 24 -1.21 -32.69 -33.22
CA GLY D 24 -0.68 -33.89 -33.82
C GLY D 24 0.76 -34.17 -33.42
N THR D 25 1.30 -33.33 -32.54
CA THR D 25 2.66 -33.52 -32.06
C THR D 25 2.78 -34.68 -31.08
N GLY D 26 1.74 -34.89 -30.28
CA GLY D 26 1.78 -35.91 -29.24
C GLY D 26 2.32 -35.36 -27.92
N THR D 27 1.77 -35.84 -26.81
CA THR D 27 2.22 -35.39 -25.49
C THR D 27 2.36 -36.53 -24.48
N ARG D 28 3.01 -36.21 -23.37
CA ARG D 28 2.84 -36.94 -22.11
C ARG D 28 2.12 -35.97 -21.19
N SER D 29 1.08 -36.44 -20.51
CA SER D 29 0.14 -35.54 -19.86
C SER D 29 -0.30 -35.98 -18.46
N LEU D 30 -0.44 -35.00 -17.57
CA LEU D 30 -1.10 -35.15 -16.28
C LEU D 30 -2.21 -34.12 -16.16
N PHE D 31 -3.29 -34.48 -15.45
CA PHE D 31 -4.41 -33.55 -15.24
C PHE D 31 -4.48 -33.10 -13.78
N GLY D 32 -4.72 -31.81 -13.57
CA GLY D 32 -5.00 -31.27 -12.26
C GLY D 32 -3.79 -31.05 -11.36
N GLN D 33 -2.79 -30.34 -11.87
CA GLN D 33 -1.54 -30.19 -11.14
C GLN D 33 -1.29 -28.75 -10.67
N GLN D 34 -0.67 -28.62 -9.52
CA GLN D 34 -0.49 -27.34 -8.83
C GLN D 34 0.96 -27.02 -8.50
N MET D 35 1.36 -25.77 -8.72
CA MET D 35 2.63 -25.25 -8.24
C MET D 35 2.34 -24.07 -7.32
N ARG D 36 3.18 -23.84 -6.32
CA ARG D 36 3.06 -22.60 -5.58
C ARG D 36 4.42 -21.93 -5.32
N TYR D 37 4.44 -20.61 -5.44
CA TYR D 37 5.62 -19.80 -5.18
C TYR D 37 5.36 -18.82 -4.07
N ASP D 38 6.30 -18.73 -3.15
CA ASP D 38 6.30 -17.67 -2.16
C ASP D 38 6.94 -16.45 -2.80
N LEU D 39 6.12 -15.51 -3.26
CA LEU D 39 6.63 -14.35 -3.99
C LEU D 39 7.51 -13.43 -3.13
N SER D 40 7.33 -13.47 -1.81
CA SER D 40 8.16 -12.66 -0.93
C SER D 40 9.59 -13.19 -0.85
N ALA D 41 9.82 -14.39 -1.39
CA ALA D 41 11.15 -14.99 -1.38
C ALA D 41 11.94 -14.75 -2.68
N GLY D 42 11.30 -14.14 -3.67
CA GLY D 42 11.92 -13.97 -4.97
C GLY D 42 10.96 -14.07 -6.14
N PHE D 43 11.30 -13.43 -7.25
CA PHE D 43 10.43 -13.43 -8.43
C PHE D 43 10.67 -14.66 -9.28
N PRO D 44 9.59 -15.40 -9.60
CA PRO D 44 9.68 -16.69 -10.30
C PRO D 44 9.93 -16.54 -11.79
N LEU D 45 11.01 -15.85 -12.15
CA LEU D 45 11.51 -15.90 -13.51
C LEU D 45 12.57 -16.99 -13.51
N LEU D 46 12.27 -18.10 -14.19
CA LEU D 46 13.10 -19.29 -14.11
C LEU D 46 14.57 -18.97 -14.41
N THR D 47 15.47 -19.65 -13.70
CA THR D 47 16.91 -19.48 -13.90
C THR D 47 17.54 -20.67 -14.64
N THR D 48 16.79 -21.77 -14.77
CA THR D 48 17.31 -22.97 -15.43
C THR D 48 17.28 -22.84 -16.94
N LYS D 49 17.06 -21.62 -17.40
CA LYS D 49 17.09 -21.28 -18.81
CA LYS D 49 17.06 -21.29 -18.82
C LYS D 49 16.65 -19.84 -18.91
N LYS D 50 17.27 -19.08 -19.82
CA LYS D 50 16.87 -17.69 -19.93
C LYS D 50 15.46 -17.61 -20.47
N VAL D 51 14.60 -16.90 -19.74
CA VAL D 51 13.26 -16.63 -20.18
C VAL D 51 13.17 -15.16 -20.62
N HIS D 52 12.56 -14.93 -21.76
CA HIS D 52 12.50 -13.58 -22.33
C HIS D 52 11.41 -12.74 -21.67
N PHE D 53 11.79 -12.01 -20.63
CA PHE D 53 10.83 -11.26 -19.83
C PHE D 53 10.18 -10.13 -20.59
N LYS D 54 10.91 -9.52 -21.52
CA LYS D 54 10.42 -8.39 -22.28
C LYS D 54 9.07 -8.67 -22.94
N SER D 55 8.95 -9.83 -23.58
CA SER D 55 7.69 -10.26 -24.17
C SER D 55 6.61 -10.45 -23.11
N VAL D 56 6.98 -11.06 -21.99
CA VAL D 56 6.04 -11.21 -20.88
C VAL D 56 5.46 -9.87 -20.43
N ALA D 57 6.32 -8.88 -20.19
CA ALA D 57 5.86 -7.64 -19.57
C ALA D 57 4.98 -6.85 -20.54
N TYR D 58 5.43 -6.78 -21.79
CA TYR D 58 4.65 -6.09 -22.81
C TYR D 58 3.28 -6.75 -23.02
N GLU D 59 3.26 -8.07 -23.14
CA GLU D 59 1.97 -8.75 -23.28
C GLU D 59 1.00 -8.43 -22.13
N LEU D 60 1.49 -8.43 -20.89
CA LEU D 60 0.62 -8.14 -19.74
C LEU D 60 0.10 -6.70 -19.80
N LEU D 61 0.99 -5.75 -20.11
CA LEU D 61 0.60 -4.34 -20.22
C LEU D 61 -0.46 -4.17 -21.30
N TRP D 62 -0.31 -4.97 -22.35
CA TRP D 62 -1.26 -5.02 -23.45
C TRP D 62 -2.64 -5.53 -22.98
N PHE D 63 -2.67 -6.65 -22.27
CA PHE D 63 -3.93 -7.17 -21.71
C PHE D 63 -4.61 -6.09 -20.90
N LEU D 64 -3.81 -5.38 -20.11
CA LEU D 64 -4.32 -4.38 -19.17
C LEU D 64 -4.95 -3.19 -19.86
N ARG D 65 -4.55 -2.96 -21.12
CA ARG D 65 -5.15 -1.90 -21.92
C ARG D 65 -6.52 -2.31 -22.40
N GLY D 66 -6.75 -3.61 -22.50
CA GLY D 66 -8.01 -4.13 -22.98
C GLY D 66 -8.14 -4.10 -24.50
N ASP D 67 -7.02 -4.19 -25.20
CA ASP D 67 -7.02 -4.11 -26.68
C ASP D 67 -7.34 -5.45 -27.37
N SER D 68 -8.09 -5.38 -28.45
CA SER D 68 -8.39 -6.55 -29.28
C SER D 68 -7.45 -6.63 -30.48
N ASN D 69 -6.52 -5.69 -30.58
CA ASN D 69 -5.65 -5.61 -31.75
C ASN D 69 -4.16 -5.71 -31.40
N ILE D 70 -3.41 -6.43 -32.22
CA ILE D 70 -1.98 -6.69 -31.97
C ILE D 70 -1.10 -5.45 -32.17
N GLY D 71 -1.70 -4.39 -32.70
CA GLY D 71 -0.96 -3.18 -33.03
C GLY D 71 0.06 -2.74 -32.01
N TRP D 72 -0.41 -2.34 -30.83
CA TRP D 72 0.46 -1.82 -29.78
C TRP D 72 1.55 -2.82 -29.42
N LEU D 73 1.23 -4.11 -29.53
CA LEU D 73 2.22 -5.15 -29.31
C LEU D 73 3.34 -5.02 -30.34
N HIS D 74 2.97 -5.09 -31.61
CA HIS D 74 3.94 -4.93 -32.70
C HIS D 74 4.81 -3.68 -32.57
N GLU D 75 4.18 -2.53 -32.33
CA GLU D 75 4.93 -1.30 -32.11
C GLU D 75 6.13 -1.54 -31.20
N HIS D 76 5.93 -2.35 -30.17
CA HIS D 76 6.98 -2.58 -29.19
C HIS D 76 7.79 -3.84 -29.46
N GLY D 77 7.71 -4.32 -30.70
CA GLY D 77 8.55 -5.41 -31.17
C GLY D 77 8.15 -6.81 -30.71
N VAL D 78 6.93 -6.93 -30.20
CA VAL D 78 6.46 -8.22 -29.70
C VAL D 78 5.55 -8.91 -30.71
N THR D 79 5.94 -10.11 -31.12
CA THR D 79 5.30 -10.79 -32.25
C THR D 79 4.56 -12.07 -31.87
N ILE D 80 4.49 -12.37 -30.57
CA ILE D 80 3.98 -13.66 -30.12
C ILE D 80 2.55 -13.95 -30.56
N TRP D 81 1.76 -12.90 -30.77
CA TRP D 81 0.37 -13.07 -31.20
C TRP D 81 0.15 -13.02 -32.72
N ASP D 82 1.23 -12.77 -33.46
CA ASP D 82 1.18 -12.61 -34.91
C ASP D 82 0.44 -13.71 -35.67
N GLU D 83 0.71 -14.97 -35.30
CA GLU D 83 0.21 -16.11 -36.05
C GLU D 83 -1.31 -16.17 -36.09
N TRP D 84 -1.97 -15.45 -35.18
CA TRP D 84 -3.41 -15.57 -35.04
C TRP D 84 -4.19 -14.30 -35.42
N ALA D 85 -3.48 -13.20 -35.66
CA ALA D 85 -4.18 -11.95 -35.96
C ALA D 85 -4.83 -12.03 -37.33
N SER D 86 -5.94 -11.31 -37.49
CA SER D 86 -6.60 -11.23 -38.79
C SER D 86 -5.78 -10.31 -39.68
N ASP D 87 -6.16 -10.21 -40.94
CA ASP D 87 -5.50 -9.32 -41.87
C ASP D 87 -5.49 -7.89 -41.32
N THR D 88 -6.50 -7.58 -40.51
CA THR D 88 -6.62 -6.26 -39.91
C THR D 88 -5.81 -6.17 -38.62
N GLY D 89 -5.50 -7.32 -38.03
CA GLY D 89 -4.77 -7.38 -36.78
C GLY D 89 -5.64 -7.73 -35.58
N GLU D 90 -6.91 -8.05 -35.85
CA GLU D 90 -7.86 -8.34 -34.79
C GLU D 90 -7.74 -9.79 -34.30
N LEU D 91 -8.04 -10.00 -33.02
CA LEU D 91 -7.94 -11.32 -32.42
C LEU D 91 -9.26 -11.76 -31.82
N GLY D 92 -10.24 -10.86 -31.86
CA GLY D 92 -11.51 -11.09 -31.20
C GLY D 92 -11.43 -10.65 -29.75
N PRO D 93 -12.44 -10.99 -28.95
CA PRO D 93 -12.53 -10.51 -27.57
C PRO D 93 -11.75 -11.39 -26.60
N ILE D 94 -10.44 -11.46 -26.82
CA ILE D 94 -9.55 -12.27 -26.00
C ILE D 94 -9.21 -11.62 -24.66
N TYR D 95 -8.31 -12.26 -23.92
CA TYR D 95 -7.97 -11.91 -22.55
C TYR D 95 -8.30 -10.47 -22.11
N GLY D 96 -7.60 -9.49 -22.68
CA GLY D 96 -7.73 -8.12 -22.22
C GLY D 96 -9.14 -7.57 -22.36
N VAL D 97 -9.81 -7.95 -23.43
CA VAL D 97 -11.19 -7.51 -23.64
C VAL D 97 -12.09 -7.95 -22.50
N GLN D 98 -11.98 -9.21 -22.10
CA GLN D 98 -12.79 -9.71 -20.99
C GLN D 98 -12.33 -9.11 -19.66
N TRP D 99 -11.02 -8.90 -19.51
CA TRP D 99 -10.48 -8.33 -18.28
C TRP D 99 -11.05 -6.93 -18.01
N ARG D 100 -11.05 -6.10 -19.05
CA ARG D 100 -11.34 -4.67 -18.92
C ARG D 100 -12.78 -4.34 -19.28
N SER D 101 -13.43 -5.16 -20.10
CA SER D 101 -14.74 -4.80 -20.63
C SER D 101 -15.61 -5.99 -21.00
N TRP D 102 -15.79 -6.90 -20.06
CA TRP D 102 -16.72 -7.99 -20.26
C TRP D 102 -18.11 -7.39 -20.56
N PRO D 103 -18.71 -7.78 -21.69
CA PRO D 103 -20.01 -7.20 -22.03
C PRO D 103 -21.15 -7.88 -21.29
N ALA D 104 -21.81 -7.13 -20.43
CA ALA D 104 -22.95 -7.67 -19.68
C ALA D 104 -24.22 -7.57 -20.52
N PRO D 105 -25.18 -8.48 -20.29
CA PRO D 105 -26.48 -8.44 -20.97
C PRO D 105 -27.11 -7.05 -20.86
N SER D 106 -26.79 -6.34 -19.79
CA SER D 106 -27.37 -5.04 -19.49
C SER D 106 -26.90 -3.94 -20.44
N GLY D 107 -25.90 -4.24 -21.27
CA GLY D 107 -25.34 -3.22 -22.13
C GLY D 107 -24.07 -2.63 -21.53
N GLU D 108 -23.89 -2.83 -20.24
CA GLU D 108 -22.68 -2.32 -19.58
C GLU D 108 -21.46 -3.16 -19.91
N HIS D 109 -20.29 -2.56 -19.72
CA HIS D 109 -19.04 -3.28 -19.84
C HIS D 109 -18.32 -3.31 -18.49
N ILE D 110 -17.95 -4.51 -18.07
CA ILE D 110 -17.42 -4.69 -16.73
C ILE D 110 -15.89 -4.78 -16.69
N ASP D 111 -15.30 -3.82 -16.01
CA ASP D 111 -13.86 -3.76 -15.76
C ASP D 111 -13.53 -4.60 -14.54
N GLN D 112 -13.19 -5.87 -14.75
CA GLN D 112 -12.90 -6.81 -13.66
C GLN D 112 -11.61 -6.45 -12.92
N ILE D 113 -10.62 -5.96 -13.64
CA ILE D 113 -9.39 -5.50 -13.00
C ILE D 113 -9.71 -4.41 -11.98
N SER D 114 -10.32 -3.30 -12.43
CA SER D 114 -10.71 -2.23 -11.51
C SER D 114 -11.60 -2.72 -10.38
N ALA D 115 -12.55 -3.59 -10.70
CA ALA D 115 -13.47 -4.10 -9.70
C ALA D 115 -12.76 -4.97 -8.66
N ALA D 116 -11.69 -5.61 -9.08
CA ALA D 116 -10.92 -6.45 -8.16
C ALA D 116 -10.06 -5.60 -7.22
N LEU D 117 -9.47 -4.54 -7.76
CA LEU D 117 -8.71 -3.57 -6.97
C LEU D 117 -9.55 -2.94 -5.88
N ASP D 118 -10.75 -2.50 -6.26
CA ASP D 118 -11.66 -1.88 -5.29
C ASP D 118 -11.94 -2.82 -4.13
N LEU D 119 -12.20 -4.09 -4.44
CA LEU D 119 -12.48 -5.06 -3.40
C LEU D 119 -11.25 -5.24 -2.53
N LEU D 120 -10.09 -5.28 -3.18
CA LEU D 120 -8.84 -5.47 -2.44
C LEU D 120 -8.62 -4.34 -1.44
N ARG D 121 -8.99 -3.13 -1.81
CA ARG D 121 -8.84 -1.96 -0.93
CA ARG D 121 -8.84 -1.98 -0.91
C ARG D 121 -9.93 -1.86 0.13
N THR D 122 -11.18 -2.09 -0.27
CA THR D 122 -12.33 -1.81 0.62
C THR D 122 -12.86 -3.04 1.36
N ASP D 123 -12.52 -4.23 0.86
CA ASP D 123 -13.04 -5.45 1.45
C ASP D 123 -12.09 -6.60 1.17
N PRO D 124 -10.87 -6.54 1.73
CA PRO D 124 -9.85 -7.52 1.33
C PRO D 124 -10.15 -8.96 1.77
N ASP D 125 -11.07 -9.13 2.71
CA ASP D 125 -11.50 -10.45 3.16
C ASP D 125 -12.41 -11.10 2.15
N SER D 126 -12.82 -10.35 1.14
CA SER D 126 -13.76 -10.88 0.16
C SER D 126 -13.27 -12.21 -0.43
N ARG D 127 -14.19 -13.16 -0.55
CA ARG D 127 -13.88 -14.43 -1.21
C ARG D 127 -14.39 -14.46 -2.65
N ARG D 128 -14.60 -13.26 -3.20
CA ARG D 128 -15.22 -13.10 -4.52
C ARG D 128 -14.36 -12.25 -5.44
N ILE D 129 -13.10 -12.05 -5.08
CA ILE D 129 -12.18 -11.25 -5.89
C ILE D 129 -11.63 -12.10 -7.05
N ILE D 130 -12.43 -12.18 -8.12
CA ILE D 130 -12.18 -13.05 -9.24
C ILE D 130 -12.10 -12.23 -10.52
N VAL D 131 -11.17 -12.58 -11.40
CA VAL D 131 -11.19 -12.11 -12.79
C VAL D 131 -11.30 -13.31 -13.72
N SER D 132 -12.29 -13.28 -14.62
CA SER D 132 -12.46 -14.37 -15.57
C SER D 132 -12.39 -13.93 -17.03
N ALA D 133 -11.61 -14.67 -17.82
CA ALA D 133 -11.60 -14.47 -19.27
C ALA D 133 -12.43 -15.54 -19.97
N TRP D 134 -12.98 -16.49 -19.22
CA TRP D 134 -13.76 -17.57 -19.84
C TRP D 134 -15.21 -17.14 -20.06
N ASN D 135 -15.41 -16.32 -21.08
CA ASN D 135 -16.73 -15.83 -21.42
C ASN D 135 -17.37 -16.80 -22.40
N VAL D 136 -18.21 -17.69 -21.88
CA VAL D 136 -18.78 -18.77 -22.70
C VAL D 136 -19.40 -18.23 -23.99
N GLY D 137 -20.11 -17.10 -23.89
CA GLY D 137 -20.84 -16.55 -25.01
C GLY D 137 -20.01 -15.82 -26.04
N GLU D 138 -18.72 -15.64 -25.77
CA GLU D 138 -17.85 -14.97 -26.73
C GLU D 138 -16.66 -15.81 -27.23
N ILE D 139 -16.43 -16.97 -26.61
CA ILE D 139 -15.34 -17.85 -27.04
C ILE D 139 -15.29 -17.98 -28.56
N GLU D 140 -16.46 -18.19 -29.18
CA GLU D 140 -16.53 -18.41 -30.62
C GLU D 140 -16.00 -17.26 -31.48
N ARG D 141 -15.85 -16.08 -30.88
CA ARG D 141 -15.36 -14.95 -31.66
C ARG D 141 -13.87 -14.76 -31.47
N MET D 142 -13.31 -15.49 -30.51
CA MET D 142 -11.88 -15.40 -30.22
C MET D 142 -11.06 -16.22 -31.18
N ALA D 143 -9.88 -15.73 -31.51
CA ALA D 143 -8.95 -16.49 -32.35
C ALA D 143 -8.64 -17.83 -31.70
N LEU D 144 -8.54 -17.81 -30.37
CA LEU D 144 -8.24 -19.02 -29.60
C LEU D 144 -8.97 -18.98 -28.26
N PRO D 145 -9.46 -20.13 -27.78
CA PRO D 145 -10.10 -20.15 -26.47
C PRO D 145 -9.08 -19.84 -25.39
N PRO D 146 -9.46 -19.05 -24.38
CA PRO D 146 -8.58 -18.69 -23.26
C PRO D 146 -7.88 -19.90 -22.66
N CYS D 147 -6.56 -19.79 -22.44
CA CYS D 147 -5.78 -20.84 -21.83
CA CYS D 147 -5.79 -20.85 -21.82
C CYS D 147 -5.60 -20.54 -20.34
N HIS D 148 -5.06 -19.36 -20.04
CA HIS D 148 -5.03 -18.91 -18.66
C HIS D 148 -6.36 -18.17 -18.47
N ALA D 149 -7.31 -18.87 -17.87
CA ALA D 149 -8.72 -18.59 -18.08
C ALA D 149 -9.43 -17.84 -16.96
N PHE D 150 -8.87 -17.89 -15.76
CA PHE D 150 -9.64 -17.55 -14.57
C PHE D 150 -8.65 -17.40 -13.43
N PHE D 151 -8.75 -16.33 -12.66
CA PHE D 151 -7.86 -16.18 -11.50
C PHE D 151 -8.50 -15.47 -10.31
N GLN D 152 -8.01 -15.75 -9.12
CA GLN D 152 -8.59 -15.24 -7.88
C GLN D 152 -7.55 -14.59 -6.99
N PHE D 153 -7.96 -13.57 -6.23
CA PHE D 153 -7.09 -12.95 -5.24
C PHE D 153 -7.53 -13.23 -3.81
N TYR D 154 -6.59 -13.10 -2.89
CA TYR D 154 -6.82 -13.48 -1.49
C TYR D 154 -5.87 -12.67 -0.62
N VAL D 155 -6.34 -12.25 0.55
CA VAL D 155 -5.51 -11.45 1.45
C VAL D 155 -5.48 -12.04 2.86
N ALA D 156 -4.28 -12.14 3.42
CA ALA D 156 -4.13 -12.62 4.77
C ALA D 156 -2.97 -11.88 5.41
N ASP D 157 -3.24 -11.26 6.56
CA ASP D 157 -2.21 -10.53 7.27
C ASP D 157 -1.52 -9.52 6.35
N GLY D 158 -2.32 -8.86 5.53
CA GLY D 158 -1.81 -7.82 4.65
C GLY D 158 -0.94 -8.32 3.52
N ARG D 159 -1.17 -9.57 3.10
CA ARG D 159 -0.44 -10.16 1.99
C ARG D 159 -1.39 -10.60 0.89
N LEU D 160 -1.07 -10.22 -0.35
CA LEU D 160 -1.87 -10.57 -1.51
C LEU D 160 -1.38 -11.87 -2.15
N SER D 161 -2.24 -12.89 -2.17
CA SER D 161 -1.98 -14.09 -2.95
C SER D 161 -2.81 -14.09 -4.21
N CYS D 162 -2.39 -14.88 -5.19
CA CYS D 162 -3.14 -15.01 -6.45
C CYS D 162 -3.15 -16.47 -6.85
N GLN D 163 -4.30 -16.95 -7.31
CA GLN D 163 -4.37 -18.29 -7.88
C GLN D 163 -4.92 -18.23 -9.28
N LEU D 164 -4.20 -18.86 -10.20
CA LEU D 164 -4.58 -18.91 -11.61
C LEU D 164 -5.07 -20.31 -11.96
N TYR D 165 -6.15 -20.40 -12.73
CA TYR D 165 -6.54 -21.66 -13.30
C TYR D 165 -6.24 -21.67 -14.79
N GLN D 166 -5.32 -22.53 -15.20
CA GLN D 166 -4.91 -22.62 -16.60
C GLN D 166 -5.33 -23.98 -17.15
N ARG D 167 -6.27 -23.98 -18.10
CA ARG D 167 -6.94 -25.20 -18.57
C ARG D 167 -5.99 -26.12 -19.34
N SER D 168 -4.90 -25.57 -19.85
CA SER D 168 -4.04 -26.29 -20.78
C SER D 168 -2.65 -25.71 -20.71
N ALA D 169 -1.66 -26.58 -20.49
CA ALA D 169 -0.34 -26.09 -20.17
C ALA D 169 0.79 -26.80 -20.93
N ASP D 170 1.41 -26.05 -21.84
CA ASP D 170 2.61 -26.48 -22.53
C ASP D 170 3.74 -26.23 -21.55
N LEU D 171 4.13 -27.28 -20.84
CA LEU D 171 5.03 -27.14 -19.69
C LEU D 171 6.37 -26.48 -20.04
N PHE D 172 6.97 -26.91 -21.15
CA PHE D 172 8.28 -26.38 -21.53
C PHE D 172 8.27 -24.96 -22.10
N LEU D 173 7.42 -24.70 -23.09
CA LEU D 173 7.42 -23.40 -23.77
C LEU D 173 6.39 -22.39 -23.22
N GLY D 174 5.31 -22.89 -22.64
CA GLY D 174 4.23 -22.00 -22.23
C GLY D 174 4.30 -21.52 -20.77
N VAL D 175 4.26 -22.48 -19.87
CA VAL D 175 4.17 -22.20 -18.44
C VAL D 175 5.23 -21.22 -17.91
N PRO D 176 6.48 -21.34 -18.38
CA PRO D 176 7.43 -20.34 -17.87
C PRO D 176 6.96 -18.90 -18.09
N PHE D 177 6.31 -18.62 -19.21
CA PHE D 177 5.75 -17.29 -19.49
C PHE D 177 4.55 -16.97 -18.60
N ASN D 178 3.68 -17.96 -18.46
CA ASN D 178 2.49 -17.82 -17.63
C ASN D 178 2.85 -17.51 -16.18
N ILE D 179 3.80 -18.24 -15.64
CA ILE D 179 4.25 -17.98 -14.28
C ILE D 179 4.75 -16.54 -14.09
N ALA D 180 5.68 -16.11 -14.93
CA ALA D 180 6.23 -14.75 -14.80
C ALA D 180 5.14 -13.69 -14.99
N SER D 181 4.23 -13.93 -15.93
CA SER D 181 3.17 -12.97 -16.25
C SER D 181 2.25 -12.68 -15.07
N TYR D 182 1.72 -13.73 -14.46
CA TYR D 182 0.82 -13.57 -13.32
C TYR D 182 1.56 -13.16 -12.05
N ALA D 183 2.80 -13.61 -11.86
CA ALA D 183 3.58 -13.13 -10.73
C ALA D 183 3.73 -11.60 -10.85
N LEU D 184 4.01 -11.14 -12.06
CA LEU D 184 4.15 -9.72 -12.32
C LEU D 184 2.83 -8.99 -12.02
N LEU D 185 1.72 -9.51 -12.54
CA LEU D 185 0.41 -8.94 -12.25
C LEU D 185 0.16 -8.87 -10.74
N THR D 186 0.53 -9.93 -10.02
CA THR D 186 0.29 -9.95 -8.58
C THR D 186 1.07 -8.84 -7.85
N HIS D 187 2.29 -8.56 -8.28
CA HIS D 187 3.06 -7.44 -7.72
C HIS D 187 2.40 -6.10 -8.01
N MET D 188 1.87 -5.96 -9.22
CA MET D 188 1.16 -4.75 -9.60
C MET D 188 -0.08 -4.55 -8.74
N MET D 189 -0.93 -5.57 -8.68
CA MET D 189 -2.14 -5.50 -7.90
C MET D 189 -1.82 -5.20 -6.43
N ALA D 190 -0.80 -5.86 -5.90
CA ALA D 190 -0.38 -5.64 -4.52
C ALA D 190 0.02 -4.19 -4.30
N ALA D 191 0.75 -3.63 -5.27
CA ALA D 191 1.22 -2.25 -5.17
C ALA D 191 0.05 -1.28 -5.14
N GLN D 192 -0.90 -1.47 -6.06
CA GLN D 192 -2.07 -0.59 -6.17
C GLN D 192 -3.12 -0.81 -5.07
N ALA D 193 -2.96 -1.86 -4.28
CA ALA D 193 -3.92 -2.12 -3.21
C ALA D 193 -3.38 -1.81 -1.81
N GLY D 194 -2.08 -1.53 -1.69
CA GLY D 194 -1.46 -1.25 -0.40
C GLY D 194 -1.06 -2.50 0.37
N LEU D 195 -0.82 -3.59 -0.37
CA LEU D 195 -0.51 -4.86 0.24
C LEU D 195 0.89 -5.30 -0.20
N SER D 196 1.48 -6.22 0.56
CA SER D 196 2.71 -6.84 0.10
C SER D 196 2.34 -8.17 -0.54
N VAL D 197 3.33 -8.88 -1.06
CA VAL D 197 3.04 -10.09 -1.81
C VAL D 197 3.04 -11.36 -0.95
N GLY D 198 2.13 -12.27 -1.28
CA GLY D 198 2.12 -13.57 -0.63
C GLY D 198 2.52 -14.66 -1.61
N GLU D 199 1.57 -15.54 -1.91
CA GLU D 199 1.86 -16.68 -2.78
C GLU D 199 1.27 -16.51 -4.17
N PHE D 200 1.96 -17.06 -5.16
CA PHE D 200 1.33 -17.31 -6.45
C PHE D 200 1.10 -18.80 -6.61
N ILE D 201 -0.16 -19.17 -6.79
CA ILE D 201 -0.52 -20.57 -6.95
C ILE D 201 -0.97 -20.81 -8.37
N TRP D 202 -0.29 -21.72 -9.05
CA TRP D 202 -0.63 -22.06 -10.42
C TRP D 202 -1.33 -23.40 -10.42
N THR D 203 -2.53 -23.44 -11.00
CA THR D 203 -3.29 -24.69 -11.03
C THR D 203 -3.62 -25.07 -12.46
N GLY D 204 -3.17 -26.25 -12.86
CA GLY D 204 -3.29 -26.66 -14.23
C GLY D 204 -4.36 -27.68 -14.50
N GLY D 205 -4.94 -27.60 -15.70
CA GLY D 205 -5.80 -28.65 -16.22
C GLY D 205 -4.95 -29.72 -16.87
N ASP D 206 -4.94 -29.74 -18.21
CA ASP D 206 -4.10 -30.69 -18.95
C ASP D 206 -2.69 -30.13 -18.96
N CYS D 207 -1.82 -30.76 -18.18
CA CYS D 207 -0.44 -30.32 -18.04
C CYS D 207 0.42 -31.25 -18.86
N HIS D 208 0.98 -30.76 -19.95
CA HIS D 208 1.62 -31.66 -20.90
C HIS D 208 3.02 -31.26 -21.33
N ILE D 209 3.86 -32.26 -21.58
CA ILE D 209 5.12 -32.06 -22.27
C ILE D 209 4.97 -32.55 -23.70
N TYR D 210 5.21 -31.66 -24.66
CA TYR D 210 5.12 -32.04 -26.06
C TYR D 210 6.24 -33.02 -26.41
N ASP D 211 5.93 -33.99 -27.27
CA ASP D 211 6.89 -35.03 -27.63
C ASP D 211 8.17 -34.45 -28.24
N ASN D 212 8.08 -33.27 -28.81
CA ASN D 212 9.25 -32.66 -29.46
C ASN D 212 10.01 -31.69 -28.54
N HIS D 213 9.82 -31.84 -27.23
CA HIS D 213 10.49 -31.00 -26.24
C HIS D 213 11.22 -31.87 -25.24
N VAL D 214 11.06 -33.18 -25.37
CA VAL D 214 11.66 -34.10 -24.40
C VAL D 214 13.18 -33.93 -24.29
N GLU D 215 13.83 -33.56 -25.38
CA GLU D 215 15.27 -33.30 -25.33
C GLU D 215 15.55 -31.93 -24.71
N GLN D 216 14.84 -30.90 -25.16
CA GLN D 216 15.02 -29.58 -24.57
C GLN D 216 14.71 -29.64 -23.07
N VAL D 217 13.57 -30.22 -22.72
CA VAL D 217 13.26 -30.47 -21.32
C VAL D 217 14.45 -31.13 -20.61
N ARG D 218 14.81 -32.34 -21.04
CA ARG D 218 15.93 -33.08 -20.48
C ARG D 218 17.15 -32.22 -20.16
N LEU D 219 17.54 -31.41 -21.14
CA LEU D 219 18.69 -30.53 -21.01
C LEU D 219 18.52 -29.58 -19.82
N GLN D 220 17.30 -29.12 -19.60
CA GLN D 220 17.00 -28.11 -18.57
C GLN D 220 16.97 -28.65 -17.14
N LEU D 221 16.45 -29.86 -16.96
CA LEU D 221 16.48 -30.48 -15.65
C LEU D 221 17.90 -30.86 -15.30
N SER D 222 18.79 -30.82 -16.28
CA SER D 222 20.20 -31.15 -16.05
C SER D 222 20.98 -29.92 -15.58
N ARG D 223 20.27 -28.80 -15.45
CA ARG D 223 20.90 -27.56 -15.02
C ARG D 223 20.60 -27.24 -13.57
N GLU D 224 21.50 -26.48 -12.93
CA GLU D 224 21.37 -26.19 -11.53
C GLU D 224 20.69 -24.84 -11.36
N PRO D 225 19.71 -24.76 -10.42
CA PRO D 225 18.92 -23.54 -10.23
C PRO D 225 19.69 -22.50 -9.44
N ARG D 226 19.68 -21.28 -9.93
CA ARG D 226 20.34 -20.18 -9.26
C ARG D 226 19.31 -19.33 -8.55
N PRO D 227 19.76 -18.46 -7.62
CA PRO D 227 18.85 -17.62 -6.84
C PRO D 227 17.84 -16.90 -7.72
N TYR D 228 16.60 -16.82 -7.26
CA TYR D 228 15.56 -16.09 -8.00
C TYR D 228 15.88 -14.61 -8.02
N PRO D 229 15.54 -13.94 -9.13
CA PRO D 229 15.71 -12.49 -9.24
C PRO D 229 14.75 -11.74 -8.33
N LYS D 230 14.80 -10.43 -8.38
CA LYS D 230 13.98 -9.59 -7.52
C LYS D 230 13.22 -8.64 -8.43
N LEU D 231 11.92 -8.49 -8.18
CA LEU D 231 11.12 -7.58 -9.01
C LEU D 231 10.90 -6.23 -8.35
N LEU D 232 11.12 -5.14 -9.09
CA LEU D 232 10.84 -3.80 -8.59
C LEU D 232 9.91 -3.02 -9.50
N LEU D 233 9.07 -2.18 -8.90
CA LEU D 233 8.15 -1.31 -9.63
C LEU D 233 8.34 0.15 -9.21
N ALA D 234 8.24 1.05 -10.17
CA ALA D 234 8.23 2.47 -9.84
C ALA D 234 6.87 2.80 -9.19
N ASP D 235 6.76 3.99 -8.62
CA ASP D 235 5.49 4.47 -8.09
C ASP D 235 4.54 4.92 -9.21
N ARG D 236 3.29 4.48 -9.14
CA ARG D 236 2.24 4.98 -10.03
C ARG D 236 0.93 5.08 -9.28
N ASP D 237 0.03 5.92 -9.78
CA ASP D 237 -1.25 6.21 -9.12
C ASP D 237 -2.29 5.18 -9.48
N SER D 238 -2.04 4.48 -10.58
CA SER D 238 -3.01 3.53 -11.14
C SER D 238 -2.29 2.39 -11.88
N ILE D 239 -2.79 1.16 -11.72
CA ILE D 239 -2.22 0.04 -12.42
C ILE D 239 -2.21 0.24 -13.94
N PHE D 240 -3.17 1.00 -14.45
CA PHE D 240 -3.26 1.22 -15.90
C PHE D 240 -2.19 2.19 -16.38
N GLU D 241 -1.45 2.78 -15.42
CA GLU D 241 -0.39 3.74 -15.78
C GLU D 241 1.03 3.17 -15.78
N TYR D 242 1.22 1.99 -15.20
CA TYR D 242 2.52 1.32 -15.29
C TYR D 242 2.97 1.25 -16.76
N THR D 243 4.23 1.56 -17.00
CA THR D 243 4.84 1.38 -18.31
C THR D 243 5.90 0.30 -18.19
N TYR D 244 6.43 -0.15 -19.33
CA TYR D 244 7.52 -1.11 -19.33
C TYR D 244 8.71 -0.60 -18.51
N GLU D 245 9.03 0.69 -18.65
CA GLU D 245 10.20 1.26 -17.97
C GLU D 245 9.99 1.34 -16.46
N ASP D 246 8.76 1.15 -16.00
CA ASP D 246 8.47 1.14 -14.57
C ASP D 246 8.85 -0.19 -13.95
N ILE D 247 9.28 -1.12 -14.78
CA ILE D 247 9.49 -2.50 -14.34
C ILE D 247 10.96 -2.90 -14.44
N VAL D 248 11.50 -3.31 -13.30
CA VAL D 248 12.88 -3.79 -13.25
C VAL D 248 12.93 -5.19 -12.65
N VAL D 249 13.60 -6.11 -13.35
CA VAL D 249 13.94 -7.40 -12.78
C VAL D 249 15.42 -7.41 -12.48
N LYS D 250 15.75 -7.50 -11.20
CA LYS D 250 17.12 -7.30 -10.73
C LYS D 250 17.79 -8.61 -10.39
N ASN D 251 19.07 -8.73 -10.75
CA ASN D 251 19.89 -9.90 -10.45
C ASN D 251 19.35 -11.20 -11.04
N TYR D 252 18.93 -11.14 -12.30
CA TYR D 252 18.55 -12.34 -13.03
C TYR D 252 19.81 -12.94 -13.65
N ASP D 253 20.16 -14.14 -13.19
CA ASP D 253 21.36 -14.81 -13.65
C ASP D 253 21.00 -16.22 -14.13
N PRO D 254 20.33 -16.31 -15.29
CA PRO D 254 19.84 -17.59 -15.84
C PRO D 254 20.91 -18.34 -16.63
N HIS D 255 20.74 -19.65 -16.71
CA HIS D 255 21.46 -20.46 -17.68
C HIS D 255 21.02 -20.02 -19.07
N PRO D 256 21.77 -20.44 -20.11
CA PRO D 256 21.47 -19.95 -21.47
C PRO D 256 20.07 -20.34 -21.94
N ALA D 257 19.55 -19.59 -22.89
CA ALA D 257 18.26 -19.89 -23.48
C ALA D 257 18.34 -21.22 -24.22
N ILE D 258 17.20 -21.87 -24.39
CA ILE D 258 17.09 -23.12 -25.12
C ILE D 258 15.97 -23.00 -26.13
N LYS D 259 16.31 -22.93 -27.42
CA LYS D 259 15.30 -22.79 -28.46
C LYS D 259 14.60 -24.11 -28.66
N ALA D 260 13.41 -24.07 -29.26
CA ALA D 260 12.64 -25.27 -29.56
C ALA D 260 11.36 -24.96 -30.34
N PRO D 261 10.96 -25.86 -31.25
CA PRO D 261 9.81 -25.76 -32.17
C PRO D 261 8.44 -25.62 -31.50
N VAL D 262 7.51 -24.96 -32.18
CA VAL D 262 6.14 -24.82 -31.68
C VAL D 262 5.28 -26.01 -32.06
N1 UFP E . 24.53 19.27 8.60
C2 UFP E . 23.72 19.16 7.53
N3 UFP E . 22.89 18.07 7.41
C4 UFP E . 22.91 17.12 8.36
C5 UFP E . 23.76 17.22 9.46
C6 UFP E . 24.57 18.32 9.56
O2 UFP E . 23.72 20.03 6.68
O4 UFP E . 22.06 16.00 8.25
C1' UFP E . 25.44 20.41 8.72
C2' UFP E . 24.87 21.73 9.05
C3' UFP E . 25.97 22.37 9.80
C4' UFP E . 26.69 21.29 10.44
O3' UFP E . 26.84 23.02 8.93
O4' UFP E . 26.39 20.09 9.69
C5' UFP E . 26.19 21.10 11.79
O5' UFP E . 26.75 21.95 12.77
P UFP E . 25.85 22.72 13.82
O1P UFP E . 26.67 23.81 14.42
O2P UFP E . 24.61 23.27 13.13
O3P UFP E . 25.39 21.71 14.84
N1 UFP F . -5.10 25.43 15.93
C2 UFP F . -4.46 26.51 15.44
N3 UFP F . -3.60 27.21 16.20
C4 UFP F . -3.36 26.82 17.48
C5 UFP F . -4.00 25.72 18.00
C6 UFP F . -4.89 25.02 17.20
O2 UFP F . -4.66 26.88 14.30
O4 UFP F . -2.44 27.57 18.24
C1' UFP F . -6.08 24.70 15.12
C2' UFP F . -5.57 23.84 14.03
C3' UFP F . -6.62 22.81 13.93
C4' UFP F . -7.11 22.64 15.27
O3' UFP F . -7.67 23.24 13.12
O4' UFP F . -6.83 23.89 15.96
C5' UFP F . -6.41 21.55 15.95
O5' UFP F . -6.87 20.24 15.64
P UFP F . -5.93 19.03 15.26
O1P UFP F . -6.76 17.91 14.70
O2P UFP F . -4.90 19.45 14.22
O3P UFP F . -5.18 18.63 16.51
N1 UFP G . -20.42 -22.56 0.07
C2 UFP G . -19.84 -23.76 -0.12
N3 UFP G . -20.30 -24.59 -1.09
C4 UFP G . -21.33 -24.22 -1.88
C5 UFP G . -21.94 -22.99 -1.68
C6 UFP G . -21.47 -22.17 -0.68
O2 UFP G . -18.90 -24.10 0.58
O4 UFP G . -21.78 -25.08 -2.87
C1' UFP G . -19.95 -21.67 1.16
C2' UFP G . -18.64 -21.03 1.02
C3' UFP G . -18.79 -19.81 1.85
C4' UFP G . -20.18 -19.46 1.79
O3' UFP G . -18.45 -20.08 3.16
O4' UFP G . -20.89 -20.65 1.36
C5' UFP G . -20.36 -18.41 0.80
O5' UFP G . -19.81 -17.18 1.20
P UFP G . -19.02 -16.18 0.28
O1P UFP G . -18.77 -14.95 1.10
O2P UFP G . -17.70 -16.81 -0.12
O3P UFP G . -19.85 -15.88 -0.95
N1 UFP H . -0.46 -22.51 -24.01
C2 UFP H . 0.14 -22.26 -22.83
N3 UFP H . 0.01 -21.05 -22.25
C4 UFP H . -0.72 -20.09 -22.84
C5 UFP H . -1.33 -20.32 -24.05
C6 UFP H . -1.19 -21.56 -24.64
O2 UFP H . 0.79 -23.14 -22.29
O4 UFP H . -0.86 -18.83 -22.25
C1' UFP H . -0.34 -23.80 -24.68
C2' UFP H . -0.98 -24.92 -23.99
C3' UFP H . -1.57 -25.75 -25.06
C4' UFP H . -1.61 -24.91 -26.22
O3' UFP H . -0.71 -26.80 -25.34
O4' UFP H . -0.94 -23.68 -25.92
C5' UFP H . -3.00 -24.61 -26.53
O5' UFP H . -3.69 -25.56 -27.29
P UFP H . -5.09 -26.11 -26.85
O1P UFP H . -5.44 -27.34 -27.61
O2P UFP H . -5.06 -26.46 -25.36
O3P UFP H . -6.13 -25.00 -27.07
#